data_9EAV
#
_entry.id   9EAV
#
_cell.length_a   136.837
_cell.length_b   136.837
_cell.length_c   172.816
_cell.angle_alpha   90.000
_cell.angle_beta   90.000
_cell.angle_gamma   90.000
#
_symmetry.space_group_name_H-M   'P 43 21 2'
#
loop_
_entity.id
_entity.type
_entity.pdbx_description
1 polymer 'Citrobacter BubCD'
2 polymer 'Citrobacter BubA'
3 polymer 'Citrobacter BubB'
4 non-polymer 'SODIUM ION'
5 non-polymer 'ADENOSINE MONOPHOSPHATE'
6 water water
#
loop_
_entity_poly.entity_id
_entity_poly.type
_entity_poly.pdbx_seq_one_letter_code
_entity_poly.pdbx_strand_id
1 'polypeptide(L)'
;SNASSGNRLILTQELHTMLQKHLFPGDGKEAAAILICNRYEGGRLKLLAKELILVPYEECKSRTSDFIAWPGNYLEKAID
VAEEKSMSIILIHSHPGGFLVFSDTADSSDMQTMQSLFQGVDAIHGSAIMIHSGEMRARLYREGKFAENVELVTVAGDDI
HYWWDDKTEQQLKPIAFTSGMTDTFQKLTAAIIGVSGTGSIVAEQVARLGFGEILLIDHDHIEKKNLNRILNSTLKDALS
HRPKVDMFAEAIRCIRGEDISRPINNTIFSREAVLAAANADVLFCCVDTYLARMIADRIASSFLIPLLDVGVKIPTHVDP
DDGRKITDVTGRIDYVKPGGSTLSDRLVYTPELIYRENLNAEEYEEQLERGFITGVEEEAPSVITLNMRAASACVSEFIA
RCFPFREYPNKRFTRTFFSLAGVEEDYIDESSITQALNTRLAVGGEEPLLGLPELGDK
;
A,B
2 'polypeptide(L)' SNATWKLNIQGKEFTFDTPTVVIRDAVIRAGLNPNQAWHIFLKVEGQPKVEKNIDDVIDLRTPGIEKLRLTPKDVNNG C
3 'polypeptide(L)'
;SNAEEPRATRRDFSLRPEDEHYLDEMGYCWETRLVGNARWLIIHDYELPDGYNHHQVNLALLITSGYPVNMLDMFYVYPP
LVRVNGVNIPATEATVAIDSVAYQRWSRHRSWNPEIDSVISQLAMADGCLQKEVGQ
;
D,E
#
# COMPACT_ATOMS: atom_id res chain seq x y z
N GLY A 6 16.21 19.58 -21.38
CA GLY A 6 15.39 19.16 -22.52
C GLY A 6 14.05 19.87 -22.58
N ASN A 7 13.77 20.57 -23.67
CA ASN A 7 12.62 21.48 -23.73
C ASN A 7 11.31 20.71 -23.98
N ARG A 8 10.19 21.37 -23.72
CA ARG A 8 8.88 20.77 -23.88
C ARG A 8 7.96 21.74 -24.63
N LEU A 9 7.12 21.19 -25.50
CA LEU A 9 5.88 21.83 -25.95
C LEU A 9 4.68 21.06 -25.35
N ILE A 10 3.84 21.74 -24.59
CA ILE A 10 2.77 21.07 -23.86
C ILE A 10 1.42 21.61 -24.34
N LEU A 11 0.55 20.71 -24.75
CA LEU A 11 -0.81 21.04 -25.12
C LEU A 11 -1.75 20.49 -24.06
N THR A 12 -2.86 21.20 -23.81
CA THR A 12 -3.87 20.60 -22.95
C THR A 12 -4.62 19.58 -23.78
N GLN A 13 -5.32 18.65 -23.11
CA GLN A 13 -6.11 17.68 -23.86
C GLN A 13 -7.21 18.37 -24.63
N GLU A 14 -7.87 19.36 -24.02
CA GLU A 14 -8.93 20.07 -24.75
C GLU A 14 -8.42 20.72 -26.03
N LEU A 15 -7.24 21.37 -25.97
CA LEU A 15 -6.74 22.04 -27.17
C LEU A 15 -6.26 21.03 -28.19
N HIS A 16 -5.66 19.95 -27.73
CA HIS A 16 -5.18 18.95 -28.67
C HIS A 16 -6.32 18.26 -29.39
N THR A 17 -7.41 17.90 -28.68
CA THR A 17 -8.53 17.27 -29.35
C THR A 17 -9.08 18.19 -30.43
N MET A 18 -9.31 19.46 -30.09
CA MET A 18 -9.86 20.42 -31.04
C MET A 18 -8.92 20.60 -32.22
N LEU A 19 -7.62 20.61 -31.95
CA LEU A 19 -6.65 20.71 -33.03
C LEU A 19 -6.72 19.49 -33.95
N GLN A 20 -6.79 18.30 -33.38
CA GLN A 20 -6.80 17.10 -34.23
C GLN A 20 -8.08 17.00 -35.06
N LYS A 21 -9.24 17.44 -34.54
CA LYS A 21 -10.46 17.42 -35.37
C LYS A 21 -10.34 18.40 -36.53
N HIS A 22 -9.71 19.55 -36.28
CA HIS A 22 -9.55 20.56 -37.31
C HIS A 22 -8.59 20.12 -38.41
N LEU A 23 -7.47 19.50 -38.02
CA LEU A 23 -6.47 19.06 -38.98
C LEU A 23 -6.84 17.77 -39.71
N PHE A 24 -7.84 17.02 -39.24
CA PHE A 24 -8.26 15.78 -39.88
C PHE A 24 -9.78 15.71 -39.92
N PRO A 25 -10.40 16.59 -40.71
CA PRO A 25 -11.86 16.56 -40.85
C PRO A 25 -12.38 15.25 -41.42
N GLY A 26 -11.51 14.51 -42.11
CA GLY A 26 -11.87 13.27 -42.78
C GLY A 26 -11.75 13.29 -44.29
N ASP A 27 -11.46 14.43 -44.92
CA ASP A 27 -11.34 14.50 -46.37
C ASP A 27 -9.92 14.26 -46.89
N GLY A 28 -8.97 13.94 -46.02
CA GLY A 28 -7.62 13.65 -46.47
C GLY A 28 -6.84 14.83 -46.97
N LYS A 29 -7.33 16.05 -46.76
CA LYS A 29 -6.68 17.29 -47.19
C LYS A 29 -6.05 18.00 -46.00
N GLU A 30 -4.95 18.71 -46.25
CA GLU A 30 -4.25 19.43 -45.20
C GLU A 30 -5.07 20.58 -44.64
N ALA A 31 -4.81 20.90 -43.36
CA ALA A 31 -5.41 22.06 -42.71
C ALA A 31 -4.36 22.78 -41.88
N ALA A 32 -4.73 23.96 -41.37
CA ALA A 32 -3.80 24.85 -40.70
C ALA A 32 -4.43 25.41 -39.44
N ALA A 33 -3.59 25.60 -38.41
CA ALA A 33 -4.02 26.21 -37.17
C ALA A 33 -2.83 26.91 -36.55
N ILE A 34 -3.10 27.74 -35.55
CA ILE A 34 -2.08 28.52 -34.89
C ILE A 34 -2.25 28.38 -33.39
N LEU A 35 -1.17 27.99 -32.72
CA LEU A 35 -1.12 27.85 -31.27
C LEU A 35 -0.33 29.02 -30.71
N ILE A 36 -0.93 29.78 -29.79
CA ILE A 36 -0.24 30.86 -29.10
C ILE A 36 0.10 30.38 -27.69
N CYS A 37 1.38 30.50 -27.31
CA CYS A 37 1.91 29.88 -26.09
C CYS A 37 2.58 30.87 -25.14
N ASN A 38 2.42 30.62 -23.84
CA ASN A 38 3.31 31.23 -22.87
C ASN A 38 4.55 30.36 -22.76
N ARG A 39 5.51 30.79 -21.95
CA ARG A 39 6.79 30.14 -21.82
C ARG A 39 7.14 30.09 -20.36
N TYR A 40 7.78 29.00 -19.94
CA TYR A 40 8.57 28.98 -18.71
C TYR A 40 10.01 28.66 -19.06
N GLU A 41 10.92 29.56 -18.70
CA GLU A 41 12.33 29.45 -19.02
C GLU A 41 13.08 29.20 -17.71
N GLY A 42 12.96 27.97 -17.23
CA GLY A 42 13.66 27.53 -16.05
C GLY A 42 14.79 26.64 -16.49
N GLY A 43 14.98 25.49 -15.84
CA GLY A 43 16.03 24.58 -16.26
C GLY A 43 15.86 24.08 -17.67
N ARG A 44 14.66 24.19 -18.21
CA ARG A 44 14.30 23.73 -19.55
C ARG A 44 13.30 24.73 -20.10
N LEU A 45 13.26 24.87 -21.41
CA LEU A 45 12.23 25.70 -22.01
C LEU A 45 10.95 24.89 -22.06
N LYS A 46 9.89 25.40 -21.43
CA LYS A 46 8.55 24.83 -21.57
C LYS A 46 7.69 25.82 -22.33
N LEU A 47 7.11 25.36 -23.42
CA LEU A 47 6.14 26.12 -24.21
C LEU A 47 4.75 25.66 -23.81
N LEU A 48 3.91 26.59 -23.35
CA LEU A 48 2.63 26.27 -22.69
C LEU A 48 1.48 26.78 -23.57
N ALA A 49 0.83 25.85 -24.28
CA ALA A 49 -0.26 26.19 -25.20
C ALA A 49 -1.40 26.88 -24.45
N LYS A 50 -1.74 28.10 -24.87
CA LYS A 50 -2.69 28.98 -24.18
C LYS A 50 -3.93 29.32 -25.01
N GLU A 51 -3.75 29.58 -26.29
CA GLU A 51 -4.83 29.94 -27.21
C GLU A 51 -4.59 29.22 -28.53
N LEU A 52 -5.67 28.88 -29.22
CA LEU A 52 -5.61 28.20 -30.50
C LEU A 52 -6.48 28.95 -31.51
N ILE A 53 -5.94 29.12 -32.70
CA ILE A 53 -6.63 29.79 -33.80
C ILE A 53 -6.70 28.80 -34.95
N LEU A 54 -7.91 28.42 -35.32
CA LEU A 54 -8.14 27.54 -36.46
C LEU A 54 -8.34 28.37 -37.71
N VAL A 55 -7.64 28.01 -38.78
CA VAL A 55 -7.80 28.66 -40.08
C VAL A 55 -8.95 28.00 -40.80
N PRO A 56 -10.12 28.64 -40.89
CA PRO A 56 -11.29 27.98 -41.50
C PRO A 56 -10.99 27.49 -42.90
N TYR A 57 -11.48 26.30 -43.23
CA TYR A 57 -11.17 25.72 -44.53
C TYR A 57 -11.68 26.60 -45.69
N GLU A 58 -12.81 27.29 -45.48
CA GLU A 58 -13.42 28.09 -46.53
C GLU A 58 -12.57 29.31 -46.89
N GLU A 59 -11.80 29.83 -45.94
CA GLU A 59 -10.95 30.97 -46.22
C GLU A 59 -9.58 30.56 -46.75
N CYS A 60 -9.33 29.27 -46.93
CA CYS A 60 -8.11 28.82 -47.56
C CYS A 60 -8.28 28.84 -49.07
N LYS A 61 -7.23 29.24 -49.78
CA LYS A 61 -7.31 29.29 -51.24
C LYS A 61 -7.21 27.90 -51.83
N SER A 62 -6.46 27.02 -51.19
CA SER A 62 -6.30 25.65 -51.66
C SER A 62 -6.11 24.74 -50.45
N ARG A 63 -6.67 23.54 -50.53
CA ARG A 63 -6.49 22.49 -49.54
C ARG A 63 -6.35 21.20 -50.32
N THR A 64 -5.15 20.62 -50.31
CA THR A 64 -4.86 19.37 -51.00
C THR A 64 -4.20 18.38 -50.03
N SER A 65 -3.90 17.18 -50.52
CA SER A 65 -3.36 16.12 -49.68
C SER A 65 -1.92 16.37 -49.25
N ASP A 66 -1.21 17.32 -49.85
CA ASP A 66 0.14 17.59 -49.40
C ASP A 66 0.47 19.08 -49.45
N PHE A 67 -0.52 19.95 -49.47
CA PHE A 67 -0.24 21.38 -49.48
C PHE A 67 -1.48 22.15 -49.05
N ILE A 68 -1.26 23.40 -48.64
CA ILE A 68 -2.34 24.31 -48.27
C ILE A 68 -1.83 25.75 -48.43
N ALA A 69 -2.71 26.62 -48.93
CA ALA A 69 -2.48 28.06 -48.98
C ALA A 69 -3.56 28.75 -48.16
N TRP A 70 -3.14 29.53 -47.16
CA TRP A 70 -4.10 30.21 -46.28
C TRP A 70 -3.74 31.68 -46.14
N PRO A 71 -4.71 32.51 -45.76
CA PRO A 71 -4.48 33.96 -45.76
C PRO A 71 -3.73 34.48 -44.55
N GLY A 72 -2.80 35.39 -44.81
CA GLY A 72 -1.95 35.95 -43.78
C GLY A 72 -2.68 36.79 -42.75
N ASN A 73 -3.95 37.13 -42.98
CA ASN A 73 -4.65 37.91 -41.97
C ASN A 73 -4.76 37.14 -40.66
N TYR A 74 -4.76 35.80 -40.71
CA TYR A 74 -4.77 35.01 -39.47
C TYR A 74 -3.42 35.06 -38.78
N LEU A 75 -2.33 35.06 -39.55
CA LEU A 75 -1.01 35.31 -38.99
C LEU A 75 -0.98 36.61 -38.20
N GLU A 76 -1.60 37.66 -38.75
CA GLU A 76 -1.63 38.95 -38.07
C GLU A 76 -2.55 38.91 -36.84
N LYS A 77 -3.60 38.10 -36.87
CA LYS A 77 -4.43 37.92 -35.67
C LYS A 77 -3.63 37.25 -34.57
N ALA A 78 -2.79 36.28 -34.94
CA ALA A 78 -1.91 35.65 -33.97
C ALA A 78 -0.98 36.67 -33.35
N ILE A 79 -0.24 37.41 -34.19
CA ILE A 79 0.69 38.42 -33.72
C ILE A 79 -0.01 39.36 -32.76
N ASP A 80 -1.23 39.74 -33.10
CA ASP A 80 -1.96 40.69 -32.27
C ASP A 80 -2.23 40.11 -30.87
N VAL A 81 -2.61 38.83 -30.79
CA VAL A 81 -2.83 38.18 -29.51
C VAL A 81 -1.53 38.05 -28.73
N ALA A 82 -0.43 37.79 -29.43
CA ALA A 82 0.87 37.51 -28.83
C ALA A 82 1.63 38.76 -28.38
N GLU A 83 1.24 39.93 -28.90
CA GLU A 83 2.08 41.12 -28.82
C GLU A 83 2.35 41.57 -27.38
N GLU A 84 1.27 41.72 -26.59
CA GLU A 84 1.40 42.32 -25.26
C GLU A 84 2.42 41.58 -24.42
N LYS A 85 2.29 40.26 -24.32
CA LYS A 85 3.16 39.47 -23.44
C LYS A 85 4.24 38.73 -24.22
N SER A 86 4.47 39.09 -25.48
CA SER A 86 5.51 38.46 -26.29
C SER A 86 5.35 36.94 -26.31
N MET A 87 4.10 36.49 -26.52
CA MET A 87 3.80 35.06 -26.56
C MET A 87 4.43 34.41 -27.80
N SER A 88 4.76 33.12 -27.67
CA SER A 88 5.36 32.36 -28.76
C SER A 88 4.26 31.82 -29.68
N ILE A 89 4.54 31.79 -30.98
CA ILE A 89 3.55 31.42 -31.99
C ILE A 89 4.03 30.16 -32.70
N ILE A 90 3.19 29.12 -32.71
CA ILE A 90 3.51 27.83 -33.33
C ILE A 90 2.46 27.56 -34.38
N LEU A 91 2.87 27.61 -35.65
CA LEU A 91 2.00 27.17 -36.74
C LEU A 91 1.94 25.64 -36.73
N ILE A 92 0.74 25.09 -36.96
CA ILE A 92 0.58 23.63 -37.01
C ILE A 92 -0.15 23.28 -38.30
N HIS A 93 0.30 22.20 -38.96
CA HIS A 93 -0.29 21.73 -40.19
C HIS A 93 -0.43 20.21 -40.17
N SER A 94 -1.44 19.71 -40.91
CA SER A 94 -1.58 18.27 -41.12
C SER A 94 -0.32 17.62 -41.68
N HIS A 95 -0.23 16.28 -41.53
CA HIS A 95 1.01 15.49 -41.51
C HIS A 95 2.07 15.85 -42.54
N PRO A 96 1.76 15.97 -43.83
CA PRO A 96 2.83 16.36 -44.75
C PRO A 96 3.47 17.67 -44.30
N GLY A 97 2.66 18.72 -44.12
CA GLY A 97 3.13 19.98 -43.57
C GLY A 97 3.39 21.08 -44.58
N GLY A 98 3.29 20.83 -45.88
CA GLY A 98 3.59 21.88 -46.86
C GLY A 98 2.53 22.98 -46.81
N PHE A 99 2.98 24.22 -46.88
CA PHE A 99 2.07 25.35 -46.81
C PHE A 99 2.71 26.62 -47.36
N LEU A 100 1.86 27.59 -47.70
CA LEU A 100 2.28 28.97 -47.90
C LEU A 100 1.19 29.90 -47.37
N VAL A 101 1.59 31.12 -47.04
CA VAL A 101 0.70 32.18 -46.61
C VAL A 101 0.62 33.23 -47.72
N PHE A 102 -0.60 33.70 -48.01
CA PHE A 102 -0.82 34.69 -49.05
C PHE A 102 -1.58 35.89 -48.49
N SER A 103 -1.19 37.08 -48.95
CA SER A 103 -1.88 38.31 -48.63
C SER A 103 -2.74 38.72 -49.82
N ASP A 104 -3.33 39.92 -49.76
CA ASP A 104 -4.13 40.38 -50.89
C ASP A 104 -3.30 40.44 -52.17
N THR A 105 -1.99 40.68 -52.06
CA THR A 105 -1.15 40.88 -53.23
C THR A 105 0.11 40.03 -53.28
N ALA A 106 0.43 39.27 -52.24
CA ALA A 106 1.70 38.56 -52.27
C ALA A 106 1.60 37.23 -51.52
N ASP A 107 2.49 36.32 -51.90
CA ASP A 107 2.63 35.02 -51.28
C ASP A 107 3.94 34.99 -50.49
N SER A 108 3.91 34.34 -49.33
CA SER A 108 5.10 34.12 -48.52
C SER A 108 5.26 32.62 -48.25
N SER A 109 6.50 32.15 -48.36
CA SER A 109 6.83 30.75 -48.17
C SER A 109 6.66 30.36 -46.69
N ASP A 110 7.04 29.12 -46.36
CA ASP A 110 7.07 28.73 -44.96
C ASP A 110 8.05 29.62 -44.18
N MET A 111 9.24 29.84 -44.73
CA MET A 111 10.29 30.55 -43.99
C MET A 111 10.02 32.04 -43.92
N GLN A 112 9.47 32.61 -44.99
CA GLN A 112 9.08 34.02 -44.93
C GLN A 112 8.05 34.25 -43.84
N THR A 113 7.12 33.30 -43.69
CA THR A 113 6.09 33.42 -42.66
C THR A 113 6.73 33.40 -41.28
N MET A 114 7.70 32.51 -41.05
CA MET A 114 8.30 32.44 -39.72
C MET A 114 9.09 33.71 -39.42
N GLN A 115 9.73 34.31 -40.44
CA GLN A 115 10.45 35.56 -40.23
C GLN A 115 9.47 36.69 -39.87
N SER A 116 8.32 36.74 -40.57
CA SER A 116 7.34 37.77 -40.27
C SER A 116 6.79 37.60 -38.85
N LEU A 117 6.70 36.37 -38.36
CA LEU A 117 6.31 36.15 -36.98
C LEU A 117 7.31 36.80 -36.02
N PHE A 118 8.60 36.54 -36.21
CA PHE A 118 9.59 37.20 -35.38
C PHE A 118 9.53 38.72 -35.53
N GLN A 119 9.34 39.21 -36.75
CA GLN A 119 9.20 40.65 -36.96
C GLN A 119 8.06 41.23 -36.14
N GLY A 120 6.95 40.47 -35.99
CA GLY A 120 5.79 40.98 -35.26
C GLY A 120 5.88 40.78 -33.77
N VAL A 121 6.63 39.76 -33.33
CA VAL A 121 6.80 39.45 -31.91
C VAL A 121 8.26 39.03 -31.72
N ASP A 122 8.98 39.76 -30.88
CA ASP A 122 10.36 39.42 -30.53
C ASP A 122 10.33 38.28 -29.51
N ALA A 123 10.30 37.06 -30.02
CA ALA A 123 10.21 35.87 -29.17
C ALA A 123 10.54 34.65 -30.02
N ILE A 124 10.73 33.53 -29.34
CA ILE A 124 10.87 32.23 -29.99
C ILE A 124 9.53 31.83 -30.61
N HIS A 125 9.58 31.22 -31.79
CA HIS A 125 8.38 30.74 -32.49
C HIS A 125 8.70 29.34 -33.02
N GLY A 126 7.73 28.71 -33.68
CA GLY A 126 7.98 27.37 -34.17
C GLY A 126 6.96 26.90 -35.18
N SER A 127 7.22 25.71 -35.72
CA SER A 127 6.37 25.12 -36.74
C SER A 127 6.23 23.64 -36.42
N ALA A 128 4.98 23.14 -36.41
CA ALA A 128 4.70 21.78 -35.96
C ALA A 128 3.85 21.03 -36.98
N ILE A 129 3.92 19.70 -36.92
CA ILE A 129 3.16 18.82 -37.81
C ILE A 129 2.45 17.75 -36.99
N MET A 130 1.16 17.52 -37.29
CA MET A 130 0.39 16.43 -36.66
C MET A 130 0.05 15.33 -37.66
N ILE A 131 0.18 14.08 -37.26
CA ILE A 131 -0.29 12.93 -38.06
C ILE A 131 -1.68 12.52 -37.57
N HIS A 132 -2.36 11.66 -38.38
CA HIS A 132 -3.80 11.47 -38.20
C HIS A 132 -4.15 10.94 -36.82
N SER A 133 -3.25 10.16 -36.21
CA SER A 133 -3.48 9.57 -34.91
C SER A 133 -3.24 10.53 -33.75
N GLY A 134 -2.80 11.76 -34.01
CA GLY A 134 -2.68 12.77 -32.99
C GLY A 134 -1.25 13.15 -32.66
N GLU A 135 -0.28 12.27 -32.88
CA GLU A 135 1.11 12.56 -32.52
C GLU A 135 1.61 13.84 -33.21
N MET A 136 2.55 14.53 -32.57
CA MET A 136 3.01 15.83 -33.02
C MET A 136 4.53 15.89 -32.99
N ARG A 137 5.10 16.65 -33.95
CA ARG A 137 6.50 17.05 -33.95
C ARG A 137 6.59 18.54 -34.21
N ALA A 138 7.61 19.18 -33.66
CA ALA A 138 7.70 20.63 -33.66
C ALA A 138 9.14 21.06 -33.80
N ARG A 139 9.35 22.13 -34.56
CA ARG A 139 10.67 22.71 -34.73
C ARG A 139 10.59 24.16 -34.29
N LEU A 140 11.62 24.60 -33.59
CA LEU A 140 11.68 25.96 -33.07
C LEU A 140 12.54 26.83 -33.99
N TYR A 141 12.18 28.11 -34.01
CA TYR A 141 12.85 29.12 -34.81
C TYR A 141 13.24 30.25 -33.88
N ARG A 142 14.54 30.57 -33.83
CA ARG A 142 15.06 31.71 -33.08
C ARG A 142 15.37 32.85 -34.05
N GLU A 143 14.82 34.04 -33.75
CA GLU A 143 15.03 35.26 -34.55
C GLU A 143 14.48 35.09 -35.95
N GLY A 144 13.42 34.30 -36.09
CA GLY A 144 12.87 33.97 -37.38
C GLY A 144 13.61 32.91 -38.16
N LYS A 145 14.61 32.24 -37.60
CA LYS A 145 15.40 31.29 -38.37
C LYS A 145 15.43 29.93 -37.70
N PHE A 146 15.25 28.87 -38.50
CA PHE A 146 15.21 27.51 -37.98
C PHE A 146 16.33 27.31 -36.97
N ALA A 147 15.98 26.75 -35.80
CA ALA A 147 16.92 26.63 -34.70
C ALA A 147 16.99 25.14 -34.30
N GLU A 148 16.30 24.73 -33.24
CA GLU A 148 16.38 23.37 -32.73
C GLU A 148 15.00 22.71 -32.74
N ASN A 149 15.00 21.39 -32.76
CA ASN A 149 13.74 20.67 -32.67
C ASN A 149 13.27 20.61 -31.23
N VAL A 150 11.95 20.58 -31.05
CA VAL A 150 11.38 20.34 -29.72
C VAL A 150 11.57 18.88 -29.35
N GLU A 151 12.26 18.64 -28.22
CA GLU A 151 12.58 17.28 -27.79
C GLU A 151 11.34 16.45 -27.44
N LEU A 152 10.34 17.10 -26.86
CA LEU A 152 9.18 16.39 -26.35
C LEU A 152 7.95 17.25 -26.56
N VAL A 153 6.98 16.71 -27.27
CA VAL A 153 5.63 17.28 -27.35
C VAL A 153 4.74 16.35 -26.53
N THR A 154 3.92 16.92 -25.67
CA THR A 154 3.24 16.07 -24.71
C THR A 154 1.84 16.58 -24.45
N VAL A 155 0.93 15.64 -24.22
CA VAL A 155 -0.41 15.92 -23.75
C VAL A 155 -0.69 15.01 -22.56
N ALA A 156 -0.98 15.59 -21.40
CA ALA A 156 -1.43 14.80 -20.26
C ALA A 156 -2.96 14.86 -20.25
N GLY A 157 -3.58 13.88 -20.89
CA GLY A 157 -5.02 13.70 -20.87
C GLY A 157 -5.41 12.68 -19.84
N ASP A 158 -6.50 11.95 -20.12
CA ASP A 158 -6.82 10.80 -19.28
C ASP A 158 -5.72 9.75 -19.43
N ASP A 159 -5.21 9.60 -20.65
CA ASP A 159 -3.94 8.91 -20.90
C ASP A 159 -2.88 9.99 -21.08
N ILE A 160 -1.63 9.68 -20.72
CA ILE A 160 -0.51 10.62 -20.84
C ILE A 160 0.33 10.22 -22.06
N HIS A 161 0.53 11.14 -22.98
CA HIS A 161 1.20 10.85 -24.25
C HIS A 161 2.51 11.60 -24.32
N TYR A 162 3.58 10.89 -24.66
CA TYR A 162 4.87 11.50 -24.87
C TYR A 162 5.31 11.22 -26.31
N TRP A 163 5.46 12.27 -27.10
CA TRP A 163 5.89 12.19 -28.50
C TRP A 163 7.30 12.77 -28.59
N TRP A 164 8.29 11.89 -28.66
CA TRP A 164 9.69 12.26 -28.56
C TRP A 164 10.24 12.55 -29.96
N ASP A 165 11.15 13.52 -30.04
CA ASP A 165 11.77 13.85 -31.33
C ASP A 165 12.55 12.67 -31.90
N ASP A 166 13.07 11.78 -31.05
CA ASP A 166 13.89 10.62 -31.42
C ASP A 166 13.08 9.34 -31.69
N LYS A 167 11.74 9.44 -31.79
CA LYS A 167 10.92 8.28 -32.12
C LYS A 167 11.32 7.71 -33.48
N THR A 168 11.21 6.39 -33.61
CA THR A 168 11.59 5.68 -34.84
C THR A 168 10.38 5.08 -35.54
N LEU A 172 7.56 0.07 -31.50
CA LEU A 172 6.20 0.19 -30.94
C LEU A 172 6.23 0.79 -29.54
N LYS A 173 5.04 1.16 -29.05
CA LYS A 173 4.96 1.69 -27.69
C LYS A 173 5.24 0.58 -26.68
N PRO A 174 6.00 0.87 -25.63
CA PRO A 174 6.26 -0.17 -24.63
C PRO A 174 5.03 -0.43 -23.81
N ILE A 175 5.08 -1.54 -23.11
CA ILE A 175 4.01 -1.91 -22.22
C ILE A 175 4.51 -1.70 -20.79
N ALA A 176 3.57 -1.51 -19.89
CA ALA A 176 3.90 -1.28 -18.51
C ALA A 176 4.89 -2.33 -18.01
N PHE A 177 5.75 -1.91 -17.07
CA PHE A 177 6.68 -2.72 -16.28
C PHE A 177 7.94 -3.20 -17.03
N THR A 178 8.10 -2.89 -18.30
CA THR A 178 9.24 -3.36 -19.06
C THR A 178 10.34 -2.28 -19.16
N SER A 179 11.48 -2.67 -19.75
CA SER A 179 12.55 -1.70 -19.98
C SER A 179 12.06 -0.47 -20.71
N GLY A 180 11.02 -0.60 -21.55
CA GLY A 180 10.52 0.56 -22.28
C GLY A 180 9.81 1.57 -21.38
N MET A 181 9.18 1.11 -20.30
CA MET A 181 8.68 2.03 -19.29
C MET A 181 9.84 2.80 -18.65
N THR A 182 10.89 2.10 -18.26
CA THR A 182 12.05 2.72 -17.62
C THR A 182 12.70 3.73 -18.55
N ASP A 183 12.76 3.40 -19.85
CA ASP A 183 13.37 4.30 -20.81
C ASP A 183 12.61 5.61 -20.87
N THR A 184 11.27 5.53 -20.79
CA THR A 184 10.48 6.73 -20.72
C THR A 184 10.75 7.50 -19.45
N PHE A 185 10.69 6.81 -18.29
CA PHE A 185 10.84 7.54 -17.03
C PHE A 185 12.22 8.19 -16.90
N GLN A 186 13.26 7.52 -17.44
CA GLN A 186 14.62 8.04 -17.43
C GLN A 186 14.74 9.45 -18.04
N LYS A 187 13.82 9.83 -18.91
CA LYS A 187 13.85 11.14 -19.53
C LYS A 187 12.96 12.16 -18.83
N LEU A 188 12.23 11.76 -17.79
CA LEU A 188 11.30 12.65 -17.10
C LEU A 188 11.85 13.22 -15.79
N THR A 189 11.30 14.36 -15.39
CA THR A 189 11.50 14.96 -14.08
C THR A 189 10.23 14.79 -13.23
N ALA A 190 10.39 14.27 -12.02
CA ALA A 190 9.29 14.12 -11.07
C ALA A 190 9.54 15.00 -9.87
N ALA A 191 8.49 15.65 -9.38
CA ALA A 191 8.60 16.42 -8.16
C ALA A 191 7.75 15.75 -7.09
N ILE A 192 8.34 15.52 -5.93
CA ILE A 192 7.61 14.98 -4.77
C ILE A 192 7.43 16.13 -3.79
N ILE A 193 6.20 16.54 -3.57
CA ILE A 193 5.87 17.66 -2.67
C ILE A 193 5.42 17.03 -1.36
N GLY A 194 6.26 17.11 -0.33
CA GLY A 194 6.01 16.46 0.93
C GLY A 194 6.71 15.11 0.90
N VAL A 195 7.78 14.95 1.68
CA VAL A 195 8.62 13.76 1.68
C VAL A 195 8.58 13.13 3.06
N SER A 196 7.38 12.74 3.50
CA SER A 196 7.19 12.27 4.87
C SER A 196 6.57 10.89 4.80
N GLY A 197 5.39 10.66 5.42
CA GLY A 197 4.82 9.30 5.41
C GLY A 197 4.47 8.74 4.04
N THR A 198 3.62 9.43 3.29
CA THR A 198 3.36 8.95 1.94
C THR A 198 4.47 9.35 0.97
N GLY A 199 4.98 10.57 1.12
CA GLY A 199 5.93 11.13 0.18
C GLY A 199 7.25 10.38 0.14
N SER A 200 7.74 9.90 1.29
CA SER A 200 8.98 9.11 1.23
C SER A 200 8.77 7.81 0.45
N ILE A 201 7.55 7.27 0.50
CA ILE A 201 7.26 6.04 -0.23
C ILE A 201 7.09 6.32 -1.71
N VAL A 202 6.44 7.42 -2.05
CA VAL A 202 6.35 7.81 -3.44
C VAL A 202 7.75 8.06 -3.99
N ALA A 203 8.58 8.80 -3.24
CA ALA A 203 9.91 9.13 -3.76
C ALA A 203 10.76 7.88 -3.93
N GLU A 204 10.62 6.92 -3.01
CA GLU A 204 11.33 5.66 -3.12
C GLU A 204 11.00 4.93 -4.41
N GLN A 205 9.69 4.82 -4.73
CA GLN A 205 9.23 4.17 -5.94
C GLN A 205 9.72 4.89 -7.19
N VAL A 206 9.58 6.21 -7.21
CA VAL A 206 10.04 7.03 -8.32
C VAL A 206 11.54 6.82 -8.57
N ALA A 207 12.32 6.79 -7.51
CA ALA A 207 13.76 6.59 -7.68
C ALA A 207 14.04 5.20 -8.24
N ARG A 208 13.39 4.16 -7.69
CA ARG A 208 13.69 2.80 -8.12
C ARG A 208 13.04 2.45 -9.45
N LEU A 209 12.03 3.22 -9.91
CA LEU A 209 11.47 3.07 -11.24
C LEU A 209 12.33 3.71 -12.34
N GLY A 210 13.40 4.43 -11.99
CA GLY A 210 14.34 4.97 -12.99
C GLY A 210 14.04 6.38 -13.48
N PHE A 211 13.29 7.17 -12.73
CA PHE A 211 13.06 8.55 -13.17
C PHE A 211 14.40 9.27 -13.26
N GLY A 212 14.51 10.13 -14.27
CA GLY A 212 15.78 10.73 -14.59
C GLY A 212 16.16 11.85 -13.66
N GLU A 213 15.20 12.57 -13.12
CA GLU A 213 15.47 13.65 -12.19
C GLU A 213 14.35 13.73 -11.17
N ILE A 214 14.70 14.04 -9.92
CA ILE A 214 13.72 13.95 -8.83
C ILE A 214 13.84 15.17 -7.93
N LEU A 215 12.80 15.99 -7.89
CA LEU A 215 12.77 17.14 -6.98
C LEU A 215 12.11 16.73 -5.68
N LEU A 216 12.73 17.10 -4.57
CA LEU A 216 12.22 16.78 -3.24
C LEU A 216 11.94 18.09 -2.48
N ILE A 217 10.69 18.32 -2.10
CA ILE A 217 10.27 19.62 -1.50
C ILE A 217 9.60 19.37 -0.17
N ASP A 218 10.23 19.82 0.90
CA ASP A 218 9.71 19.65 2.24
C ASP A 218 10.54 20.53 3.14
N HIS A 219 9.88 21.14 4.12
CA HIS A 219 10.54 22.01 5.11
C HIS A 219 10.79 21.34 6.44
N ASP A 220 10.34 20.11 6.65
CA ASP A 220 10.40 19.51 7.99
C ASP A 220 11.59 18.56 8.11
N HIS A 221 11.78 18.00 9.31
CA HIS A 221 12.96 17.22 9.58
C HIS A 221 12.62 15.90 10.28
N ILE A 222 13.55 14.97 10.19
CA ILE A 222 13.40 13.67 10.84
C ILE A 222 13.46 13.86 12.36
N GLU A 223 12.55 13.20 13.05
CA GLU A 223 12.53 13.13 14.51
C GLU A 223 12.17 11.69 14.91
N LYS A 224 12.36 11.40 16.19
CA LYS A 224 12.08 10.05 16.66
C LYS A 224 10.66 9.64 16.31
N LYS A 225 9.70 10.55 16.45
CA LYS A 225 8.30 10.28 16.23
C LYS A 225 7.98 9.91 14.76
N ASN A 226 8.84 10.18 13.79
CA ASN A 226 8.47 9.76 12.44
C ASN A 226 9.37 8.63 11.92
N LEU A 227 10.18 8.01 12.77
CA LEU A 227 10.97 6.85 12.35
C LEU A 227 10.10 5.64 12.14
N ASN A 228 8.83 5.69 12.58
CA ASN A 228 7.89 4.63 12.29
C ASN A 228 7.33 4.72 10.87
N ARG A 229 7.73 5.74 10.08
CA ARG A 229 7.08 5.98 8.79
C ARG A 229 7.99 6.34 7.62
N ILE A 230 9.08 7.08 7.84
CA ILE A 230 9.79 7.72 6.73
C ILE A 230 10.88 6.76 6.20
N LEU A 231 10.70 6.29 4.98
CA LEU A 231 11.69 5.39 4.38
C LEU A 231 13.09 6.02 4.29
N ASN A 232 14.10 5.19 4.55
CA ASN A 232 15.54 5.49 4.59
C ASN A 232 16.01 6.28 5.81
N SER A 233 15.08 6.75 6.63
CA SER A 233 15.43 7.47 7.85
C SER A 233 15.99 6.56 8.92
N THR A 234 16.93 7.13 9.69
CA THR A 234 17.60 6.39 10.72
C THR A 234 17.57 7.12 12.06
N LEU A 235 17.87 6.37 13.13
CA LEU A 235 18.00 6.99 14.45
C LEU A 235 19.04 8.10 14.42
N LYS A 236 20.14 7.91 13.68
CA LYS A 236 21.13 8.97 13.58
C LYS A 236 20.55 10.24 12.95
N ASP A 237 19.73 10.09 11.89
CA ASP A 237 19.02 11.25 11.34
C ASP A 237 18.15 11.93 12.38
N ALA A 238 17.44 11.14 13.18
CA ALA A 238 16.50 11.72 14.15
C ALA A 238 17.24 12.50 15.22
N LEU A 239 18.39 11.99 15.66
CA LEU A 239 19.15 12.64 16.73
C LEU A 239 19.74 13.97 16.26
N SER A 240 19.94 14.14 14.95
CA SER A 240 20.49 15.37 14.43
C SER A 240 19.44 16.25 13.73
N HIS A 241 18.17 15.93 13.89
CA HIS A 241 17.07 16.61 13.23
C HIS A 241 17.38 16.93 11.76
N ARG A 242 17.83 15.90 11.03
CA ARG A 242 18.17 16.07 9.63
C ARG A 242 16.94 16.45 8.79
N PRO A 243 17.06 17.42 7.88
CA PRO A 243 15.92 17.72 6.99
C PRO A 243 15.52 16.51 6.16
N LYS A 244 14.22 16.32 6.01
CA LYS A 244 13.70 15.20 5.22
C LYS A 244 14.26 15.19 3.80
N VAL A 245 14.34 16.35 3.14
CA VAL A 245 14.77 16.31 1.74
C VAL A 245 16.25 15.98 1.60
N ASP A 246 17.06 16.42 2.56
CA ASP A 246 18.49 16.12 2.49
C ASP A 246 18.75 14.66 2.79
N MET A 247 18.11 14.13 3.83
CA MET A 247 18.17 12.69 4.11
C MET A 247 17.82 11.90 2.84
N PHE A 248 16.69 12.22 2.21
CA PHE A 248 16.24 11.40 1.10
C PHE A 248 17.08 11.60 -0.15
N ALA A 249 17.57 12.82 -0.42
CA ALA A 249 18.45 13.02 -1.58
C ALA A 249 19.73 12.18 -1.46
N GLU A 250 20.31 12.09 -0.26
CA GLU A 250 21.50 11.28 -0.09
C GLU A 250 21.20 9.78 -0.20
N ALA A 251 20.03 9.35 0.25
CA ALA A 251 19.65 7.95 0.02
C ALA A 251 19.48 7.65 -1.46
N ILE A 252 18.88 8.57 -2.22
CA ILE A 252 18.79 8.34 -3.66
C ILE A 252 20.20 8.28 -4.27
N ARG A 253 21.10 9.17 -3.87
CA ARG A 253 22.47 9.11 -4.39
C ARG A 253 23.08 7.71 -4.20
N CYS A 254 22.90 7.12 -3.02
CA CYS A 254 23.39 5.76 -2.75
C CYS A 254 22.63 4.70 -3.52
N ILE A 255 21.31 4.84 -3.64
CA ILE A 255 20.51 3.81 -4.30
C ILE A 255 20.83 3.76 -5.78
N ARG A 256 20.80 4.92 -6.44
CA ARG A 256 20.94 5.06 -7.88
C ARG A 256 22.40 5.24 -8.30
N GLY A 257 23.30 5.48 -7.36
CA GLY A 257 24.70 5.68 -7.73
C GLY A 257 24.95 6.92 -8.54
N GLU A 258 24.09 7.94 -8.40
CA GLU A 258 24.11 9.08 -9.27
C GLU A 258 23.36 10.20 -8.54
N ASP A 259 23.80 11.44 -8.75
CA ASP A 259 23.20 12.60 -8.09
C ASP A 259 22.09 13.16 -8.98
N ILE A 260 20.91 12.55 -8.85
CA ILE A 260 19.79 12.85 -9.71
C ILE A 260 18.66 13.56 -8.99
N SER A 261 18.81 13.82 -7.70
CA SER A 261 17.75 14.48 -6.94
C SER A 261 18.19 15.87 -6.51
N ARG A 262 17.21 16.76 -6.43
CA ARG A 262 17.38 18.16 -6.09
C ARG A 262 16.59 18.39 -4.81
N PRO A 263 17.23 18.38 -3.65
CA PRO A 263 16.50 18.61 -2.40
C PRO A 263 16.20 20.10 -2.25
N ILE A 264 14.93 20.45 -2.05
CA ILE A 264 14.50 21.82 -1.77
C ILE A 264 14.01 21.87 -0.33
N ASN A 265 14.82 22.42 0.59
CA ASN A 265 14.45 22.50 1.99
C ASN A 265 13.65 23.78 2.22
N ASN A 266 12.36 23.71 1.88
CA ASN A 266 11.51 24.89 1.98
C ASN A 266 10.08 24.42 1.86
N THR A 267 9.15 25.30 2.28
CA THR A 267 7.75 25.01 2.02
C THR A 267 7.47 25.07 0.52
N ILE A 268 6.45 24.34 0.09
CA ILE A 268 6.03 24.50 -1.30
C ILE A 268 5.54 25.94 -1.56
N PHE A 269 5.07 26.63 -0.51
CA PHE A 269 4.56 28.00 -0.64
C PHE A 269 5.72 28.99 -0.59
N SER A 270 6.58 28.89 -1.58
CA SER A 270 7.76 29.73 -1.70
C SER A 270 8.09 29.87 -3.17
N ARG A 271 8.76 30.99 -3.53
CA ARG A 271 9.19 31.15 -4.90
C ARG A 271 10.22 30.09 -5.28
N GLU A 272 11.17 29.82 -4.37
CA GLU A 272 12.15 28.78 -4.63
C GLU A 272 11.48 27.48 -5.05
N ALA A 273 10.52 27.02 -4.25
CA ALA A 273 9.92 25.72 -4.51
C ALA A 273 9.01 25.75 -5.73
N VAL A 274 8.21 26.80 -5.88
CA VAL A 274 7.28 26.83 -7.03
C VAL A 274 8.07 26.82 -8.34
N LEU A 275 9.09 27.67 -8.45
CA LEU A 275 9.87 27.77 -9.67
C LEU A 275 10.69 26.50 -9.93
N ALA A 276 11.08 25.76 -8.89
CA ALA A 276 11.75 24.48 -9.15
C ALA A 276 10.73 23.47 -9.67
N ALA A 277 9.57 23.38 -9.00
CA ALA A 277 8.57 22.39 -9.35
C ALA A 277 8.01 22.63 -10.76
N ALA A 278 7.93 23.88 -11.20
CA ALA A 278 7.46 24.20 -12.54
C ALA A 278 8.26 23.49 -13.62
N ASN A 279 9.48 23.05 -13.35
CA ASN A 279 10.24 22.30 -14.33
C ASN A 279 9.88 20.84 -14.44
N ALA A 280 9.03 20.29 -13.55
CA ALA A 280 8.80 18.87 -13.52
C ALA A 280 7.85 18.43 -14.63
N ASP A 281 7.96 17.17 -15.02
CA ASP A 281 6.98 16.53 -15.89
C ASP A 281 5.79 15.95 -15.14
N VAL A 282 5.91 15.74 -13.83
CA VAL A 282 4.79 15.19 -13.07
C VAL A 282 4.97 15.64 -11.62
N LEU A 283 3.86 16.04 -10.99
CA LEU A 283 3.85 16.39 -9.58
C LEU A 283 3.17 15.27 -8.80
N PHE A 284 3.84 14.81 -7.74
CA PHE A 284 3.24 13.92 -6.73
C PHE A 284 3.09 14.73 -5.46
N CYS A 285 1.83 15.01 -5.08
CA CYS A 285 1.54 15.86 -3.93
C CYS A 285 1.18 14.98 -2.74
N CYS A 286 2.06 14.94 -1.77
CA CYS A 286 1.98 14.08 -0.59
C CYS A 286 2.04 14.94 0.66
N VAL A 287 1.31 16.07 0.65
CA VAL A 287 1.44 17.07 1.71
C VAL A 287 0.43 16.77 2.82
N ASP A 288 0.46 17.55 3.91
CA ASP A 288 -0.51 17.35 4.98
C ASP A 288 -1.21 18.63 5.42
N THR A 289 -1.24 19.64 4.56
CA THR A 289 -2.05 20.85 4.76
C THR A 289 -2.89 21.15 3.52
N TYR A 290 -4.06 21.76 3.78
CA TYR A 290 -4.92 22.20 2.68
C TYR A 290 -4.21 23.28 1.87
N LEU A 291 -3.49 24.17 2.55
CA LEU A 291 -2.77 25.26 1.89
C LEU A 291 -1.76 24.71 0.89
N ALA A 292 -0.97 23.69 1.27
CA ALA A 292 0.00 23.14 0.34
C ALA A 292 -0.68 22.50 -0.87
N ARG A 293 -1.84 21.86 -0.67
CA ARG A 293 -2.53 21.30 -1.83
C ARG A 293 -3.01 22.38 -2.81
N MET A 294 -3.43 23.54 -2.32
CA MET A 294 -3.76 24.63 -3.24
C MET A 294 -2.54 25.09 -4.03
N ILE A 295 -1.39 25.23 -3.38
CA ILE A 295 -0.18 25.63 -4.12
C ILE A 295 0.11 24.62 -5.24
N ALA A 296 0.05 23.31 -4.93
CA ALA A 296 0.31 22.28 -5.94
C ALA A 296 -0.68 22.34 -7.09
N ASP A 297 -1.98 22.45 -6.76
CA ASP A 297 -3.04 22.63 -7.76
C ASP A 297 -2.71 23.79 -8.73
N ARG A 298 -2.28 24.92 -8.20
CA ARG A 298 -2.02 26.09 -9.06
C ARG A 298 -0.74 25.95 -9.83
N ILE A 299 0.28 25.27 -9.28
CA ILE A 299 1.45 24.96 -10.07
C ILE A 299 1.06 24.10 -11.27
N ALA A 300 0.26 23.05 -11.02
CA ALA A 300 -0.08 22.11 -12.08
C ALA A 300 -0.82 22.81 -13.22
N SER A 301 -1.74 23.69 -12.86
CA SER A 301 -2.53 24.41 -13.86
C SER A 301 -1.68 25.46 -14.57
N SER A 302 -0.90 26.22 -13.82
CA SER A 302 -0.12 27.30 -14.41
C SER A 302 0.92 26.77 -15.39
N PHE A 303 1.56 25.63 -15.07
CA PHE A 303 2.69 25.12 -15.84
C PHE A 303 2.35 23.87 -16.65
N LEU A 304 1.07 23.50 -16.73
CA LEU A 304 0.60 22.33 -17.49
C LEU A 304 1.32 21.02 -17.12
N ILE A 305 1.26 20.68 -15.84
CA ILE A 305 1.90 19.48 -15.30
C ILE A 305 0.82 18.56 -14.75
N PRO A 306 0.76 17.29 -15.15
CA PRO A 306 -0.16 16.36 -14.50
C PRO A 306 0.20 16.24 -13.02
N LEU A 307 -0.84 16.08 -12.22
CA LEU A 307 -0.75 16.09 -10.76
C LEU A 307 -1.45 14.86 -10.21
N LEU A 308 -0.75 14.12 -9.36
CA LEU A 308 -1.30 13.06 -8.55
C LEU A 308 -1.22 13.47 -7.08
N ASP A 309 -2.38 13.64 -6.45
CA ASP A 309 -2.51 14.06 -5.07
C ASP A 309 -2.99 12.88 -4.27
N VAL A 310 -2.28 12.56 -3.18
CA VAL A 310 -2.63 11.42 -2.35
C VAL A 310 -2.81 11.89 -0.92
N GLY A 311 -3.88 11.41 -0.27
CA GLY A 311 -4.12 11.68 1.14
C GLY A 311 -4.59 10.44 1.85
N VAL A 312 -4.30 10.37 3.16
CA VAL A 312 -4.76 9.28 4.00
C VAL A 312 -5.37 9.85 5.28
N LYS A 313 -6.20 9.04 5.93
CA LYS A 313 -6.76 9.41 7.23
C LYS A 313 -7.32 8.19 7.91
N ILE A 314 -7.21 8.19 9.24
CA ILE A 314 -7.78 7.17 10.11
C ILE A 314 -8.67 7.92 11.09
N PRO A 315 -9.83 8.42 10.66
CA PRO A 315 -10.75 9.09 11.60
C PRO A 315 -11.24 8.13 12.69
N THR A 316 -11.53 8.67 13.85
CA THR A 316 -12.11 7.96 14.96
C THR A 316 -13.37 8.71 15.41
N HIS A 317 -14.20 8.02 16.19
CA HIS A 317 -15.34 8.65 16.83
C HIS A 317 -15.57 7.95 18.15
N VAL A 318 -16.42 8.55 18.97
CA VAL A 318 -16.72 8.03 20.29
C VAL A 318 -18.07 7.33 20.21
N ASP A 319 -18.05 6.04 20.34
CA ASP A 319 -19.30 5.30 20.43
C ASP A 319 -19.91 5.58 21.82
N PRO A 320 -21.21 5.91 21.90
CA PRO A 320 -21.76 6.40 23.18
C PRO A 320 -21.69 5.38 24.29
N ASP A 321 -21.69 4.08 23.95
CA ASP A 321 -21.61 3.00 24.92
C ASP A 321 -20.18 2.54 25.15
N ASP A 322 -19.37 2.43 24.09
CA ASP A 322 -18.10 1.70 24.17
C ASP A 322 -16.87 2.61 24.17
N GLY A 323 -17.05 3.89 23.95
CA GLY A 323 -15.95 4.81 23.85
C GLY A 323 -15.36 4.88 22.43
N ARG A 324 -14.14 5.38 22.41
CA ARG A 324 -13.48 5.73 21.14
C ARG A 324 -13.20 4.49 20.33
N LYS A 325 -13.36 4.60 19.02
CA LYS A 325 -13.05 3.52 18.13
C LYS A 325 -12.72 4.11 16.76
N ILE A 326 -12.15 3.28 15.92
CA ILE A 326 -11.78 3.71 14.58
C ILE A 326 -13.05 3.82 13.73
N THR A 327 -13.19 4.96 13.03
CA THR A 327 -14.31 5.17 12.11
C THR A 327 -14.02 4.60 10.74
N ASP A 328 -12.84 4.89 10.21
CA ASP A 328 -12.44 4.36 8.90
C ASP A 328 -10.91 4.39 8.81
N VAL A 329 -10.40 3.64 7.86
CA VAL A 329 -8.98 3.62 7.53
C VAL A 329 -8.93 3.89 6.04
N THR A 330 -8.56 5.09 5.65
CA THR A 330 -8.93 5.47 4.28
C THR A 330 -7.83 6.21 3.53
N GLY A 331 -7.88 6.07 2.20
CA GLY A 331 -6.95 6.74 1.34
C GLY A 331 -7.71 7.30 0.14
N ARG A 332 -7.11 8.33 -0.44
CA ARG A 332 -7.69 9.10 -1.52
C ARG A 332 -6.57 9.36 -2.51
N ILE A 333 -6.81 9.07 -3.79
CA ILE A 333 -5.87 9.36 -4.86
C ILE A 333 -6.60 10.20 -5.93
N ASP A 334 -6.06 11.38 -6.25
CA ASP A 334 -6.68 12.25 -7.24
C ASP A 334 -5.70 12.50 -8.37
N TYR A 335 -6.13 12.20 -9.58
CA TYR A 335 -5.39 12.53 -10.80
C TYR A 335 -6.01 13.78 -11.42
N VAL A 336 -5.19 14.81 -11.62
CA VAL A 336 -5.62 16.10 -12.17
C VAL A 336 -4.81 16.34 -13.45
N LYS A 337 -5.49 16.40 -14.56
CA LYS A 337 -4.91 16.66 -15.87
C LYS A 337 -5.06 18.14 -16.21
N PRO A 338 -4.11 18.73 -16.94
CA PRO A 338 -4.20 20.16 -17.24
C PRO A 338 -5.44 20.48 -18.07
N GLY A 339 -6.27 21.39 -17.54
CA GLY A 339 -7.54 21.71 -18.15
C GLY A 339 -8.71 20.83 -17.76
N GLY A 340 -8.48 19.75 -16.98
CA GLY A 340 -9.55 18.99 -16.37
C GLY A 340 -9.93 19.59 -15.03
N SER A 341 -10.85 18.91 -14.34
CA SER A 341 -11.22 19.37 -13.01
C SER A 341 -9.99 19.37 -12.11
N THR A 342 -9.98 20.30 -11.16
CA THR A 342 -8.86 20.57 -10.28
C THR A 342 -9.16 20.07 -8.87
N LEU A 343 -8.15 20.13 -8.00
CA LEU A 343 -8.38 19.77 -6.59
C LEU A 343 -9.40 20.71 -5.95
N SER A 344 -9.33 22.00 -6.32
CA SER A 344 -10.33 22.96 -5.88
C SER A 344 -11.74 22.55 -6.30
N ASP A 345 -11.92 22.19 -7.57
CA ASP A 345 -13.24 21.72 -8.02
C ASP A 345 -13.73 20.56 -7.17
N ARG A 346 -12.84 19.68 -6.76
CA ARG A 346 -13.22 18.48 -6.03
C ARG A 346 -13.38 18.73 -4.54
N LEU A 347 -13.14 19.98 -4.10
CA LEU A 347 -13.22 20.39 -2.72
C LEU A 347 -12.18 19.69 -1.86
N VAL A 348 -11.08 19.27 -2.48
CA VAL A 348 -9.92 18.77 -1.75
C VAL A 348 -9.38 19.82 -0.78
N TYR A 349 -9.38 21.11 -1.17
CA TYR A 349 -9.29 22.24 -0.25
C TYR A 349 -10.42 23.22 -0.58
N THR A 350 -10.70 24.12 0.37
CA THR A 350 -11.66 25.24 0.22
C THR A 350 -11.13 26.42 1.01
N PRO A 351 -11.69 27.63 0.81
CA PRO A 351 -11.25 28.76 1.62
C PRO A 351 -11.44 28.52 3.09
N GLU A 352 -12.57 27.94 3.48
CA GLU A 352 -12.83 27.69 4.89
C GLU A 352 -11.82 26.69 5.48
N LEU A 353 -11.55 25.60 4.77
CA LEU A 353 -10.55 24.65 5.30
C LEU A 353 -9.19 25.31 5.46
N ILE A 354 -8.78 26.12 4.47
CA ILE A 354 -7.47 26.75 4.58
C ILE A 354 -7.47 27.76 5.73
N TYR A 355 -8.56 28.53 5.86
CA TYR A 355 -8.62 29.55 6.91
C TYR A 355 -8.54 28.94 8.29
N ARG A 356 -9.30 27.86 8.50
CA ARG A 356 -9.36 27.21 9.81
C ARG A 356 -8.04 26.58 10.16
N GLU A 357 -7.34 26.02 9.18
CA GLU A 357 -6.06 25.38 9.44
C GLU A 357 -4.97 26.38 9.87
N ASN A 358 -5.03 27.63 9.44
CA ASN A 358 -3.92 28.56 9.60
C ASN A 358 -4.16 29.67 10.63
N LEU A 359 -4.83 29.34 11.74
CA LEU A 359 -4.96 30.27 12.86
C LEU A 359 -3.73 30.27 13.78
N ASN A 360 -3.36 31.46 14.27
CA ASN A 360 -2.23 31.58 15.17
C ASN A 360 -2.60 31.14 16.59
N ALA A 361 -1.59 31.16 17.48
CA ALA A 361 -1.72 30.62 18.83
C ALA A 361 -2.78 31.35 19.66
N GLU A 362 -2.83 32.68 19.59
CA GLU A 362 -3.85 33.37 20.36
C GLU A 362 -5.24 33.08 19.80
N GLU A 363 -5.33 32.82 18.49
CA GLU A 363 -6.59 32.42 17.89
C GLU A 363 -7.01 31.03 18.37
N TYR A 364 -6.08 30.06 18.40
CA TYR A 364 -6.38 28.72 18.92
C TYR A 364 -6.85 28.80 20.37
N GLU A 365 -6.15 29.57 21.20
CA GLU A 365 -6.56 29.65 22.59
C GLU A 365 -7.94 30.26 22.72
N GLU A 366 -8.23 31.29 21.89
CA GLU A 366 -9.56 31.89 21.95
C GLU A 366 -10.63 30.91 21.52
N GLN A 367 -10.40 30.21 20.41
CA GLN A 367 -11.36 29.21 19.91
C GLN A 367 -11.67 28.18 21.00
N LEU A 368 -10.65 27.64 21.66
CA LEU A 368 -10.88 26.71 22.76
C LEU A 368 -11.73 27.34 23.84
N GLU A 369 -11.38 28.56 24.24
CA GLU A 369 -12.01 29.20 25.37
C GLU A 369 -13.48 29.47 25.13
N ARG A 370 -13.83 29.77 23.88
CA ARG A 370 -15.17 30.10 23.48
C ARG A 370 -15.99 28.88 23.09
N GLY A 371 -15.35 27.72 22.96
CA GLY A 371 -16.02 26.50 22.59
C GLY A 371 -16.26 26.32 21.12
N PHE A 372 -15.59 27.11 20.25
CA PHE A 372 -15.73 26.91 18.82
C PHE A 372 -15.03 25.64 18.36
N ILE A 373 -13.97 25.23 19.06
CA ILE A 373 -13.29 23.97 18.78
C ILE A 373 -13.07 23.25 20.11
N THR A 374 -12.97 21.95 20.03
CA THR A 374 -12.87 21.11 21.19
C THR A 374 -11.44 20.83 21.58
N GLY A 375 -10.48 21.01 20.67
CA GLY A 375 -9.12 20.59 20.92
C GLY A 375 -8.88 19.10 20.88
N VAL A 376 -9.75 18.34 20.22
CA VAL A 376 -9.57 16.92 20.04
C VAL A 376 -9.33 16.69 18.55
N GLU A 377 -8.36 15.91 18.24
CA GLU A 377 -8.07 15.53 16.87
C GLU A 377 -8.67 14.12 16.74
N GLU A 378 -9.76 13.99 16.00
CA GLU A 378 -10.48 12.72 16.01
C GLU A 378 -9.90 11.82 14.92
N GLU A 379 -8.59 11.55 15.06
CA GLU A 379 -7.87 10.63 14.19
C GLU A 379 -6.90 9.78 15.01
N ALA A 380 -6.62 8.59 14.51
CA ALA A 380 -5.58 7.75 15.09
C ALA A 380 -4.24 8.13 14.48
N PRO A 381 -3.15 7.75 15.12
CA PRO A 381 -1.82 8.03 14.53
C PRO A 381 -1.66 7.39 13.16
N SER A 382 -0.94 8.08 12.26
CA SER A 382 -0.61 7.52 10.97
C SER A 382 0.20 6.23 11.11
N VAL A 383 0.16 5.42 10.05
CA VAL A 383 0.76 4.08 10.08
C VAL A 383 1.33 3.77 8.71
N ILE A 384 2.50 3.11 8.71
CA ILE A 384 3.20 2.85 7.45
C ILE A 384 2.39 1.98 6.53
N THR A 385 1.60 1.03 7.07
CA THR A 385 0.85 0.14 6.18
C THR A 385 -0.12 0.94 5.30
N LEU A 386 -0.90 1.84 5.91
CA LEU A 386 -1.84 2.63 5.12
C LEU A 386 -1.08 3.58 4.19
N ASN A 387 0.00 4.18 4.68
CA ASN A 387 0.78 5.10 3.86
C ASN A 387 1.26 4.37 2.61
N MET A 388 1.80 3.18 2.80
CA MET A 388 2.27 2.39 1.65
C MET A 388 1.13 1.96 0.74
N ARG A 389 0.00 1.55 1.29
CA ARG A 389 -1.15 1.17 0.46
C ARG A 389 -1.60 2.33 -0.45
N ALA A 390 -1.60 3.56 0.08
CA ALA A 390 -1.96 4.73 -0.70
C ALA A 390 -0.87 5.12 -1.70
N ALA A 391 0.38 5.17 -1.24
CA ALA A 391 1.48 5.62 -2.08
C ALA A 391 1.75 4.67 -3.25
N SER A 392 1.55 3.37 -3.05
CA SER A 392 1.72 2.43 -4.15
C SER A 392 0.60 2.59 -5.17
N ALA A 393 -0.65 2.78 -4.73
CA ALA A 393 -1.72 3.09 -5.70
C ALA A 393 -1.49 4.42 -6.41
N CYS A 394 -0.90 5.40 -5.72
CA CYS A 394 -0.61 6.67 -6.34
C CYS A 394 0.36 6.55 -7.52
N VAL A 395 1.48 5.87 -7.33
CA VAL A 395 2.47 5.74 -8.40
C VAL A 395 1.97 4.76 -9.47
N SER A 396 1.27 3.70 -9.07
CA SER A 396 0.65 2.82 -10.09
C SER A 396 -0.29 3.61 -10.99
N GLU A 397 -0.96 4.64 -10.45
CA GLU A 397 -1.88 5.44 -11.25
C GLU A 397 -1.16 6.15 -12.40
N PHE A 398 0.04 6.67 -12.15
CA PHE A 398 0.82 7.31 -13.21
C PHE A 398 1.24 6.28 -14.24
N ILE A 399 1.68 5.12 -13.78
CA ILE A 399 2.05 4.02 -14.68
C ILE A 399 0.88 3.67 -15.59
N ALA A 400 -0.31 3.54 -15.01
CA ALA A 400 -1.49 3.14 -15.76
C ALA A 400 -1.83 4.16 -16.82
N ARG A 401 -1.57 5.41 -16.55
CA ARG A 401 -1.92 6.48 -17.47
C ARG A 401 -0.88 6.72 -18.54
N CYS A 402 0.39 6.46 -18.25
CA CYS A 402 1.44 6.46 -19.26
C CYS A 402 1.45 5.19 -20.12
N PHE A 403 1.07 4.03 -19.55
CA PHE A 403 1.16 2.72 -20.21
C PHE A 403 -0.07 1.93 -19.86
N PRO A 404 -1.21 2.27 -20.47
CA PRO A 404 -2.47 1.66 -20.06
C PRO A 404 -2.45 0.14 -20.02
N PHE A 405 -2.88 -0.41 -18.91
CA PHE A 405 -3.01 -1.85 -18.74
C PHE A 405 -4.35 -2.27 -18.15
N ARG A 406 -5.22 -1.31 -17.80
CA ARG A 406 -6.46 -1.67 -17.16
C ARG A 406 -7.52 -2.03 -18.21
N GLU A 407 -8.55 -2.73 -17.75
CA GLU A 407 -9.63 -3.19 -18.63
C GLU A 407 -10.74 -2.17 -18.81
N TYR A 408 -10.57 -0.96 -18.29
CA TYR A 408 -11.50 0.15 -18.41
C TYR A 408 -10.70 1.40 -18.76
N PRO A 409 -11.34 2.40 -19.33
CA PRO A 409 -10.62 3.67 -19.62
C PRO A 409 -10.14 4.34 -18.35
N ASN A 410 -8.93 4.93 -18.42
CA ASN A 410 -8.34 5.57 -17.24
C ASN A 410 -9.18 6.71 -16.71
N LYS A 411 -10.00 7.32 -17.58
CA LYS A 411 -10.92 8.36 -17.15
C LYS A 411 -11.86 7.89 -16.02
N ARG A 412 -12.17 6.61 -15.96
CA ARG A 412 -13.04 6.09 -14.89
C ARG A 412 -12.41 6.23 -13.49
N PHE A 413 -11.10 6.45 -13.40
CA PHE A 413 -10.33 6.39 -12.17
C PHE A 413 -9.73 7.73 -11.80
N THR A 414 -10.38 8.81 -12.21
CA THR A 414 -9.84 10.13 -11.95
C THR A 414 -9.71 10.40 -10.45
N ARG A 415 -10.69 9.95 -9.66
CA ARG A 415 -10.61 9.91 -8.21
C ARG A 415 -10.80 8.47 -7.73
N THR A 416 -10.01 8.06 -6.73
CA THR A 416 -10.15 6.78 -6.06
C THR A 416 -10.23 7.01 -4.55
N PHE A 417 -11.20 6.38 -3.89
CA PHE A 417 -11.27 6.32 -2.44
C PHE A 417 -11.30 4.85 -2.01
N PHE A 418 -10.49 4.49 -1.04
CA PHE A 418 -10.54 3.14 -0.54
C PHE A 418 -10.68 3.20 0.97
N SER A 419 -11.43 2.25 1.50
CA SER A 419 -11.66 2.05 2.93
C SER A 419 -11.19 0.65 3.32
N LEU A 420 -10.19 0.58 4.20
CA LEU A 420 -9.73 -0.71 4.72
C LEU A 420 -10.60 -1.20 5.84
N ALA A 421 -11.46 -0.33 6.42
CA ALA A 421 -12.34 -0.75 7.49
C ALA A 421 -13.66 -1.26 6.92
N GLY A 422 -14.21 -0.57 5.92
CA GLY A 422 -15.39 -1.07 5.24
C GLY A 422 -15.08 -2.04 4.13
N VAL A 423 -13.80 -2.17 3.77
CA VAL A 423 -13.35 -3.07 2.73
C VAL A 423 -14.07 -2.79 1.42
N GLU A 424 -13.87 -1.59 0.89
CA GLU A 424 -14.53 -1.09 -0.28
C GLU A 424 -13.56 -0.19 -1.00
N GLU A 425 -13.71 -0.06 -2.32
CA GLU A 425 -12.97 0.91 -3.08
C GLU A 425 -13.89 1.50 -4.13
N ASP A 426 -13.94 2.82 -4.23
CA ASP A 426 -14.86 3.50 -5.14
C ASP A 426 -14.08 4.41 -6.08
N TYR A 427 -14.59 4.60 -7.29
CA TYR A 427 -13.90 5.40 -8.30
C TYR A 427 -14.87 6.42 -8.81
N ILE A 428 -14.38 7.63 -9.10
CA ILE A 428 -15.18 8.73 -9.62
C ILE A 428 -14.59 9.13 -10.95
N ASP A 429 -15.45 9.26 -11.96
CA ASP A 429 -15.07 9.56 -13.34
C ASP A 429 -14.95 11.06 -13.55
N GLU A 430 -14.01 11.47 -14.41
CA GLU A 430 -13.80 12.90 -14.64
C GLU A 430 -15.07 13.59 -15.09
N SER A 431 -15.94 12.90 -15.83
CA SER A 431 -17.15 13.52 -16.38
C SER A 431 -18.17 13.91 -15.30
N SER A 432 -18.10 13.33 -14.11
CA SER A 432 -19.06 13.70 -13.08
C SER A 432 -18.63 14.89 -12.23
N ILE A 433 -17.49 15.52 -12.52
CA ILE A 433 -16.92 16.56 -11.68
C ILE A 433 -17.17 17.91 -12.35
N THR A 434 -17.80 18.84 -11.61
CA THR A 434 -18.03 20.19 -12.11
C THR A 434 -16.75 21.01 -12.12
N GLN A 435 -16.46 21.68 -13.24
CA GLN A 435 -15.26 22.48 -13.40
C GLN A 435 -15.62 23.96 -13.28
N ALA A 436 -14.88 24.67 -12.45
CA ALA A 436 -15.02 26.11 -12.37
C ALA A 436 -14.12 26.74 -13.41
N LEU A 437 -14.16 28.08 -13.48
CA LEU A 437 -13.23 28.81 -14.31
C LEU A 437 -11.81 28.59 -13.79
N ASN A 438 -10.89 28.25 -14.69
CA ASN A 438 -9.49 27.97 -14.34
C ASN A 438 -8.63 29.13 -14.85
N THR A 439 -8.49 30.15 -13.99
CA THR A 439 -7.76 31.37 -14.38
C THR A 439 -6.25 31.21 -14.36
N ARG A 440 -5.71 30.18 -13.70
CA ARG A 440 -4.28 29.97 -13.75
C ARG A 440 -3.80 29.27 -15.03
N LEU A 441 -4.69 28.64 -15.78
CA LEU A 441 -4.26 27.64 -16.78
C LEU A 441 -3.30 28.24 -17.78
N ALA A 442 -2.14 27.59 -17.94
CA ALA A 442 -1.10 27.94 -18.91
C ALA A 442 -0.59 29.37 -18.78
N VAL A 443 -0.80 30.08 -17.67
CA VAL A 443 -0.18 31.39 -17.52
C VAL A 443 1.28 31.32 -17.07
N GLY A 444 1.78 30.14 -16.68
CA GLY A 444 3.18 30.04 -16.28
C GLY A 444 3.50 30.98 -15.14
N GLY A 445 4.68 31.61 -15.23
CA GLY A 445 5.18 32.45 -14.16
C GLY A 445 4.75 33.90 -14.14
N GLU A 446 3.57 34.21 -14.68
CA GLU A 446 3.05 35.57 -14.60
C GLU A 446 2.99 36.03 -13.15
N GLU A 447 3.36 37.25 -12.94
CA GLU A 447 3.38 37.77 -11.59
C GLU A 447 2.03 38.40 -11.22
N PRO A 448 1.61 38.28 -9.96
CA PRO A 448 2.27 37.55 -8.87
C PRO A 448 2.21 36.05 -9.16
N LEU A 449 3.27 35.34 -8.84
CA LEU A 449 3.36 33.92 -9.11
C LEU A 449 2.16 33.17 -8.51
N LEU A 450 1.50 32.37 -9.34
CA LEU A 450 0.31 31.59 -9.00
C LEU A 450 -0.85 32.47 -8.60
N GLY A 451 -0.77 33.77 -8.86
CA GLY A 451 -1.82 34.66 -8.41
C GLY A 451 -1.80 34.95 -6.93
N LEU A 452 -0.69 34.69 -6.24
CA LEU A 452 -0.64 34.82 -4.79
C LEU A 452 0.33 35.92 -4.44
N PRO A 453 -0.16 37.07 -3.98
CA PRO A 453 0.76 38.20 -3.72
C PRO A 453 1.90 37.86 -2.77
N GLU A 454 1.73 36.86 -1.89
CA GLU A 454 2.84 36.44 -1.05
C GLU A 454 4.00 35.89 -1.87
N LEU A 455 3.76 35.47 -3.11
CA LEU A 455 4.81 34.92 -3.98
C LEU A 455 5.35 35.93 -5.01
N GLY A 456 4.88 37.18 -4.99
CA GLY A 456 5.38 38.17 -5.92
C GLY A 456 6.86 38.49 -5.72
N ASP A 457 7.49 39.01 -6.78
CA ASP A 457 8.94 39.21 -6.74
C ASP A 457 9.31 40.52 -6.03
N LYS A 458 10.37 40.43 -5.22
CA LYS A 458 10.83 41.55 -4.37
C LYS A 458 9.77 41.90 -3.33
N GLY B 6 11.44 -15.15 26.34
CA GLY B 6 10.11 -14.99 26.96
C GLY B 6 9.19 -16.12 26.50
N ASN B 7 8.71 -16.96 27.43
CA ASN B 7 8.05 -18.20 27.06
C ASN B 7 6.61 -17.98 26.53
N ARG B 8 5.97 -19.08 26.13
CA ARG B 8 4.62 -19.00 25.54
C ARG B 8 3.90 -20.29 25.84
N LEU B 9 2.62 -20.17 26.16
CA LEU B 9 1.68 -21.27 26.05
C LEU B 9 0.79 -20.96 24.86
N ILE B 10 0.79 -21.84 23.86
CA ILE B 10 -0.01 -21.61 22.64
C ILE B 10 -1.12 -22.65 22.54
N LEU B 11 -2.38 -22.17 22.45
CA LEU B 11 -3.51 -23.02 22.15
C LEU B 11 -3.95 -22.78 20.71
N THR B 12 -4.44 -23.81 20.03
CA THR B 12 -5.17 -23.60 18.80
C THR B 12 -6.56 -23.05 19.11
N GLN B 13 -7.12 -22.37 18.12
CA GLN B 13 -8.48 -21.87 18.31
C GLN B 13 -9.44 -23.01 18.56
N GLU B 14 -9.26 -24.13 17.88
CA GLU B 14 -10.17 -25.24 18.07
C GLU B 14 -10.15 -25.75 19.50
N LEU B 15 -8.97 -25.95 20.08
CA LEU B 15 -8.92 -26.43 21.46
C LEU B 15 -9.40 -25.36 22.43
N HIS B 16 -9.06 -24.11 22.16
CA HIS B 16 -9.50 -23.08 23.08
C HIS B 16 -11.03 -22.99 23.14
N THR B 17 -11.67 -23.05 21.97
CA THR B 17 -13.13 -22.99 21.93
C THR B 17 -13.76 -24.14 22.69
N MET B 18 -13.28 -25.36 22.48
CA MET B 18 -13.75 -26.50 23.25
C MET B 18 -13.49 -26.32 24.74
N LEU B 19 -12.32 -25.83 25.10
CA LEU B 19 -12.00 -25.62 26.51
C LEU B 19 -12.94 -24.61 27.16
N GLN B 20 -13.12 -23.45 26.53
CA GLN B 20 -13.98 -22.42 27.09
C GLN B 20 -15.41 -22.93 27.27
N LYS B 21 -15.95 -23.65 26.28
CA LYS B 21 -17.31 -24.20 26.46
C LYS B 21 -17.35 -25.11 27.66
N HIS B 22 -16.30 -25.94 27.87
CA HIS B 22 -16.35 -26.89 28.98
C HIS B 22 -16.27 -26.15 30.31
N LEU B 23 -15.39 -25.17 30.40
CA LEU B 23 -15.18 -24.49 31.65
C LEU B 23 -16.31 -23.53 32.00
N PHE B 24 -17.17 -23.16 31.03
CA PHE B 24 -18.22 -22.18 31.27
C PHE B 24 -19.51 -22.66 30.62
N PRO B 25 -20.07 -23.75 31.15
CA PRO B 25 -21.30 -24.31 30.57
C PRO B 25 -22.50 -23.41 30.78
N GLY B 26 -22.45 -22.50 31.75
CA GLY B 26 -23.52 -21.57 32.00
C GLY B 26 -24.12 -21.63 33.39
N ASP B 27 -23.76 -22.63 34.20
CA ASP B 27 -24.26 -22.74 35.56
C ASP B 27 -23.39 -22.00 36.57
N GLY B 28 -22.35 -21.31 36.12
CA GLY B 28 -21.57 -20.49 37.04
C GLY B 28 -20.74 -21.24 38.06
N LYS B 29 -20.53 -22.54 37.87
CA LYS B 29 -19.74 -23.38 38.75
C LYS B 29 -18.44 -23.81 38.09
N GLU B 30 -17.37 -23.94 38.89
CA GLU B 30 -16.07 -24.29 38.28
C GLU B 30 -16.13 -25.64 37.58
N ALA B 31 -15.28 -25.78 36.58
CA ALA B 31 -15.05 -27.06 35.94
C ALA B 31 -13.56 -27.21 35.71
N ALA B 32 -13.17 -28.43 35.31
CA ALA B 32 -11.77 -28.79 35.17
C ALA B 32 -11.49 -29.45 33.84
N ALA B 33 -10.29 -29.22 33.32
CA ALA B 33 -9.82 -29.87 32.10
C ALA B 33 -8.30 -30.00 32.17
N ILE B 34 -7.76 -30.79 31.27
CA ILE B 34 -6.33 -31.09 31.23
C ILE B 34 -5.84 -30.97 29.80
N LEU B 35 -4.85 -30.10 29.58
CA LEU B 35 -4.21 -29.89 28.30
C LEU B 35 -2.85 -30.57 28.32
N ILE B 36 -2.58 -31.40 27.32
CA ILE B 36 -1.30 -32.07 27.14
C ILE B 36 -0.57 -31.41 25.97
N CYS B 37 0.70 -31.03 26.18
CA CYS B 37 1.42 -30.17 25.27
C CYS B 37 2.77 -30.75 24.87
N ASN B 38 3.13 -30.54 23.62
CA ASN B 38 4.52 -30.69 23.19
C ASN B 38 5.24 -29.40 23.52
N ARG B 39 6.55 -29.40 23.32
CA ARG B 39 7.39 -28.25 23.65
C ARG B 39 8.38 -28.00 22.54
N TYR B 40 8.66 -26.72 22.28
CA TYR B 40 9.84 -26.32 21.53
C TYR B 40 10.71 -25.50 22.46
N GLU B 41 11.96 -25.92 22.64
CA GLU B 41 12.87 -25.29 23.60
C GLU B 41 14.01 -24.67 22.81
N GLY B 42 13.69 -23.63 22.08
CA GLY B 42 14.69 -22.90 21.33
C GLY B 42 15.06 -21.65 22.12
N GLY B 43 15.02 -20.50 21.48
CA GLY B 43 15.35 -19.28 22.18
C GLY B 43 14.44 -19.03 23.35
N ARG B 44 13.19 -19.47 23.25
CA ARG B 44 12.21 -19.35 24.30
C ARG B 44 11.54 -20.72 24.42
N LEU B 45 10.95 -20.97 25.56
CA LEU B 45 10.12 -22.16 25.70
C LEU B 45 8.74 -21.89 25.13
N LYS B 46 8.33 -22.73 24.18
CA LYS B 46 6.96 -22.73 23.68
C LYS B 46 6.32 -24.05 24.04
N LEU B 47 5.20 -23.95 24.69
CA LEU B 47 4.31 -25.04 24.99
C LEU B 47 3.19 -25.07 23.95
N LEU B 48 3.02 -26.22 23.29
CA LEU B 48 2.22 -26.36 22.07
C LEU B 48 1.05 -27.30 22.43
N ALA B 49 -0.12 -26.73 22.62
CA ALA B 49 -1.30 -27.51 22.96
C ALA B 49 -1.58 -28.58 21.90
N LYS B 50 -1.65 -29.84 22.34
CA LYS B 50 -1.81 -30.98 21.44
C LYS B 50 -3.06 -31.79 21.72
N GLU B 51 -3.32 -32.16 22.97
CA GLU B 51 -4.50 -32.93 23.32
C GLU B 51 -5.23 -32.29 24.49
N LEU B 52 -6.55 -32.51 24.56
CA LEU B 52 -7.39 -31.98 25.62
C LEU B 52 -8.26 -33.07 26.22
N ILE B 53 -8.23 -33.17 27.54
CA ILE B 53 -9.08 -34.08 28.31
C ILE B 53 -10.05 -33.24 29.13
N LEU B 54 -11.36 -33.43 28.91
CA LEU B 54 -12.37 -32.70 29.67
C LEU B 54 -12.87 -33.55 30.83
N VAL B 55 -12.85 -33.00 32.03
CA VAL B 55 -13.34 -33.79 33.17
C VAL B 55 -14.85 -33.64 33.27
N PRO B 56 -15.62 -34.72 33.10
CA PRO B 56 -17.09 -34.57 33.07
C PRO B 56 -17.63 -34.05 34.40
N TYR B 57 -18.58 -33.12 34.31
CA TYR B 57 -19.11 -32.51 35.53
C TYR B 57 -19.65 -33.58 36.49
N GLU B 58 -20.34 -34.59 35.95
CA GLU B 58 -21.00 -35.60 36.77
C GLU B 58 -20.03 -36.34 37.66
N GLU B 59 -18.80 -36.61 37.17
CA GLU B 59 -17.85 -37.36 38.00
C GLU B 59 -17.16 -36.50 39.03
N CYS B 60 -17.50 -35.22 39.12
CA CYS B 60 -16.91 -34.35 40.11
C CYS B 60 -17.80 -34.30 41.33
N LYS B 61 -17.27 -33.71 42.41
CA LYS B 61 -18.01 -33.39 43.62
C LYS B 61 -17.74 -31.94 43.99
N SER B 62 -18.57 -31.42 44.89
CA SER B 62 -18.34 -30.12 45.49
C SER B 62 -18.14 -29.00 44.45
N ARG B 63 -18.75 -29.17 43.24
CA ARG B 63 -18.71 -28.16 42.19
C ARG B 63 -19.50 -26.94 42.61
N THR B 64 -18.81 -25.84 42.85
CA THR B 64 -19.45 -24.59 43.22
C THR B 64 -18.87 -23.46 42.38
N SER B 65 -19.37 -22.25 42.62
CA SER B 65 -18.81 -21.09 41.97
C SER B 65 -17.32 -20.90 42.27
N ASP B 66 -16.78 -21.50 43.35
CA ASP B 66 -15.37 -21.23 43.65
C ASP B 66 -14.54 -22.47 44.01
N PHE B 67 -15.02 -23.66 43.70
CA PHE B 67 -14.24 -24.83 44.05
C PHE B 67 -14.75 -25.99 43.25
N ILE B 68 -13.89 -26.99 43.07
CA ILE B 68 -14.27 -28.25 42.44
C ILE B 68 -13.34 -29.35 42.93
N ALA B 69 -13.90 -30.51 43.21
CA ALA B 69 -13.15 -31.69 43.53
C ALA B 69 -13.40 -32.68 42.41
N TRP B 70 -12.33 -33.21 41.79
CA TRP B 70 -12.50 -34.09 40.66
C TRP B 70 -11.62 -35.31 40.78
N PRO B 71 -11.95 -36.40 40.09
CA PRO B 71 -11.30 -37.68 40.38
C PRO B 71 -9.94 -37.83 39.72
N GLY B 72 -9.04 -38.42 40.48
CA GLY B 72 -7.66 -38.60 40.07
C GLY B 72 -7.45 -39.57 38.92
N ASN B 73 -8.45 -40.36 38.54
CA ASN B 73 -8.24 -41.20 37.36
C ASN B 73 -8.07 -40.35 36.09
N TYR B 74 -8.57 -39.12 36.08
CA TYR B 74 -8.29 -38.24 34.94
C TYR B 74 -6.85 -37.77 34.94
N LEU B 75 -6.26 -37.57 36.11
CA LEU B 75 -4.85 -37.23 36.19
C LEU B 75 -3.99 -38.37 35.67
N GLU B 76 -4.36 -39.61 35.98
CA GLU B 76 -3.63 -40.78 35.48
C GLU B 76 -3.79 -40.94 33.97
N LYS B 77 -4.95 -40.62 33.42
CA LYS B 77 -5.09 -40.63 31.96
C LYS B 77 -4.09 -39.67 31.29
N ALA B 78 -3.98 -38.47 31.85
CA ALA B 78 -3.08 -37.47 31.24
C ALA B 78 -1.64 -37.93 31.34
N ILE B 79 -1.26 -38.52 32.48
CA ILE B 79 0.09 -39.05 32.63
C ILE B 79 0.35 -40.12 31.60
N ASP B 80 -0.67 -40.92 31.34
CA ASP B 80 -0.47 -42.04 30.42
C ASP B 80 -0.34 -41.55 29.00
N VAL B 81 -1.12 -40.52 28.64
CA VAL B 81 -0.93 -39.92 27.32
C VAL B 81 0.46 -39.33 27.21
N ALA B 82 0.92 -38.65 28.27
CA ALA B 82 2.13 -37.84 28.19
C ALA B 82 3.43 -38.62 28.35
N GLU B 83 3.36 -39.85 28.89
CA GLU B 83 4.57 -40.54 29.33
C GLU B 83 5.59 -40.75 28.19
N GLU B 84 5.14 -41.28 27.06
CA GLU B 84 6.11 -41.76 26.05
C GLU B 84 7.03 -40.64 25.59
N LYS B 85 6.47 -39.47 25.29
CA LYS B 85 7.24 -38.35 24.77
C LYS B 85 7.51 -37.29 25.82
N SER B 86 7.24 -37.58 27.10
CA SER B 86 7.47 -36.64 28.17
C SER B 86 6.79 -35.28 27.90
N MET B 87 5.52 -35.34 27.55
CA MET B 87 4.74 -34.15 27.24
C MET B 87 4.47 -33.35 28.52
N SER B 88 4.27 -32.07 28.36
CA SER B 88 3.91 -31.23 29.50
C SER B 88 2.40 -31.30 29.72
N ILE B 89 1.99 -31.38 30.97
CA ILE B 89 0.58 -31.47 31.37
C ILE B 89 0.18 -30.19 32.07
N ILE B 90 -0.86 -29.53 31.56
CA ILE B 90 -1.34 -28.28 32.12
C ILE B 90 -2.77 -28.49 32.62
N LEU B 91 -2.98 -28.32 33.95
CA LEU B 91 -4.31 -28.40 34.50
C LEU B 91 -5.00 -27.08 34.22
N ILE B 92 -6.27 -27.12 33.85
CA ILE B 92 -6.99 -25.87 33.61
C ILE B 92 -8.30 -25.87 34.40
N HIS B 93 -8.57 -24.77 35.10
CA HIS B 93 -9.80 -24.58 35.86
C HIS B 93 -10.47 -23.27 35.53
N SER B 94 -11.81 -23.29 35.59
CA SER B 94 -12.56 -22.05 35.52
C SER B 94 -12.17 -21.10 36.64
N HIS B 95 -12.21 -19.82 36.28
CA HIS B 95 -11.53 -18.66 36.84
C HIS B 95 -11.14 -18.69 38.28
N PRO B 96 -12.05 -18.66 39.27
CA PRO B 96 -11.51 -18.63 40.61
C PRO B 96 -10.34 -19.65 40.62
N GLY B 97 -10.60 -20.87 40.23
CA GLY B 97 -9.53 -21.84 40.07
C GLY B 97 -9.28 -22.77 41.23
N GLY B 98 -10.06 -22.70 42.31
CA GLY B 98 -9.77 -23.55 43.45
C GLY B 98 -10.19 -24.97 43.17
N PHE B 99 -9.37 -25.95 43.57
CA PHE B 99 -9.71 -27.36 43.33
C PHE B 99 -8.93 -28.27 44.28
N LEU B 100 -9.36 -29.54 44.31
CA LEU B 100 -8.54 -30.64 44.79
C LEU B 100 -8.82 -31.85 43.90
N VAL B 101 -7.93 -32.82 43.97
CA VAL B 101 -8.03 -34.04 43.20
C VAL B 101 -8.16 -35.17 44.21
N PHE B 102 -9.20 -35.98 44.06
CA PHE B 102 -9.50 -37.02 45.05
C PHE B 102 -9.44 -38.41 44.43
N SER B 103 -9.01 -39.35 45.26
CA SER B 103 -9.06 -40.77 44.98
C SER B 103 -9.66 -41.44 46.22
N ASP B 104 -9.70 -42.76 46.23
CA ASP B 104 -10.24 -43.46 47.41
C ASP B 104 -9.31 -43.30 48.62
N THR B 105 -8.00 -43.40 48.41
CA THR B 105 -7.10 -43.37 49.54
C THR B 105 -6.64 -41.97 49.93
N ALA B 106 -6.61 -41.02 49.01
CA ALA B 106 -6.04 -39.72 49.33
C ALA B 106 -6.67 -38.61 48.50
N ASP B 107 -6.85 -37.47 49.15
CA ASP B 107 -7.15 -36.19 48.54
C ASP B 107 -5.85 -35.42 48.37
N SER B 108 -5.72 -34.70 47.26
CA SER B 108 -4.47 -33.96 47.04
C SER B 108 -4.78 -32.54 46.63
N SER B 109 -4.12 -31.62 47.30
CA SER B 109 -4.21 -30.20 47.00
C SER B 109 -3.64 -29.93 45.62
N ASP B 110 -3.75 -28.67 45.19
CA ASP B 110 -3.14 -28.24 43.93
C ASP B 110 -1.63 -28.50 43.93
N MET B 111 -0.91 -28.10 45.00
CA MET B 111 0.54 -28.33 45.06
C MET B 111 0.87 -29.82 44.98
N GLN B 112 0.12 -30.65 45.70
CA GLN B 112 0.37 -32.09 45.69
C GLN B 112 0.07 -32.70 44.34
N THR B 113 -0.97 -32.19 43.66
CA THR B 113 -1.27 -32.70 42.32
C THR B 113 -0.11 -32.38 41.37
N MET B 114 0.48 -31.18 41.47
CA MET B 114 1.57 -30.85 40.56
C MET B 114 2.78 -31.73 40.86
N GLN B 115 2.96 -32.11 42.14
CA GLN B 115 4.06 -33.01 42.46
C GLN B 115 3.80 -34.39 41.86
N SER B 116 2.56 -34.87 41.90
CA SER B 116 2.22 -36.16 41.30
C SER B 116 2.41 -36.15 39.80
N LEU B 117 2.10 -35.03 39.13
CA LEU B 117 2.38 -34.97 37.70
C LEU B 117 3.86 -35.19 37.44
N PHE B 118 4.70 -34.46 38.16
CA PHE B 118 6.14 -34.55 37.92
C PHE B 118 6.64 -35.96 38.22
N GLN B 119 6.11 -36.61 39.27
CA GLN B 119 6.47 -38.02 39.53
C GLN B 119 6.04 -38.94 38.39
N GLY B 120 4.92 -38.65 37.73
CA GLY B 120 4.49 -39.48 36.61
C GLY B 120 5.17 -39.17 35.30
N VAL B 121 5.58 -37.92 35.09
CA VAL B 121 6.23 -37.51 33.85
C VAL B 121 7.33 -36.50 34.17
N ASP B 122 8.58 -36.86 33.89
CA ASP B 122 9.70 -35.96 34.17
C ASP B 122 9.65 -34.85 33.13
N ALA B 123 8.92 -33.78 33.40
CA ALA B 123 8.85 -32.65 32.49
C ALA B 123 8.32 -31.45 33.28
N ILE B 124 8.42 -30.27 32.66
CA ILE B 124 7.71 -29.09 33.12
C ILE B 124 6.21 -29.29 32.97
N HIS B 125 5.45 -28.93 33.99
CA HIS B 125 4.00 -29.04 33.97
C HIS B 125 3.46 -27.68 34.36
N GLY B 126 2.13 -27.56 34.50
CA GLY B 126 1.61 -26.25 34.80
C GLY B 126 0.15 -26.26 35.22
N SER B 127 -0.31 -25.09 35.63
CA SER B 127 -1.65 -24.90 36.14
C SER B 127 -2.15 -23.55 35.63
N ALA B 128 -3.34 -23.54 35.03
CA ALA B 128 -3.86 -22.38 34.32
C ALA B 128 -5.28 -22.08 34.78
N ILE B 129 -5.68 -20.83 34.61
CA ILE B 129 -7.04 -20.38 34.92
C ILE B 129 -7.58 -19.60 33.72
N MET B 130 -8.84 -19.87 33.38
CA MET B 130 -9.55 -19.15 32.34
C MET B 130 -10.72 -18.37 32.96
N ILE B 131 -10.89 -17.12 32.53
CA ILE B 131 -12.08 -16.37 32.90
C ILE B 131 -13.15 -16.56 31.82
N HIS B 132 -14.38 -16.15 32.13
CA HIS B 132 -15.52 -16.52 31.28
C HIS B 132 -15.36 -16.04 29.85
N SER B 133 -14.74 -14.88 29.62
CA SER B 133 -14.59 -14.38 28.26
C SER B 133 -13.45 -15.05 27.49
N GLY B 134 -12.68 -15.94 28.12
CA GLY B 134 -11.75 -16.80 27.40
C GLY B 134 -10.28 -16.55 27.67
N GLU B 135 -9.92 -15.42 28.29
CA GLU B 135 -8.53 -15.10 28.56
C GLU B 135 -7.98 -16.10 29.58
N MET B 136 -6.70 -16.39 29.46
CA MET B 136 -6.04 -17.39 30.32
C MET B 136 -4.78 -16.83 30.96
N ARG B 137 -4.50 -17.30 32.16
CA ARG B 137 -3.22 -17.10 32.85
C ARG B 137 -2.69 -18.46 33.26
N ALA B 138 -1.37 -18.61 33.27
CA ALA B 138 -0.79 -19.89 33.61
C ALA B 138 0.50 -19.74 34.39
N ARG B 139 0.72 -20.71 35.26
CA ARG B 139 1.96 -20.85 36.01
C ARG B 139 2.59 -22.20 35.72
N LEU B 140 3.90 -22.17 35.57
CA LEU B 140 4.67 -23.37 35.28
C LEU B 140 5.29 -23.90 36.56
N TYR B 141 5.45 -25.23 36.62
CA TYR B 141 6.00 -25.94 37.78
C TYR B 141 7.17 -26.77 37.31
N ARG B 142 8.35 -26.53 37.90
CA ARG B 142 9.56 -27.28 37.58
C ARG B 142 9.89 -28.28 38.69
N GLU B 143 10.19 -29.50 38.30
CA GLU B 143 10.39 -30.58 39.26
C GLU B 143 9.25 -30.64 40.26
N GLY B 144 8.04 -30.34 39.80
CA GLY B 144 6.87 -30.49 40.64
C GLY B 144 6.54 -29.33 41.54
N LYS B 145 7.36 -28.27 41.56
CA LYS B 145 7.23 -27.13 42.46
C LYS B 145 7.04 -25.83 41.67
N PHE B 146 6.26 -24.89 42.25
CA PHE B 146 5.89 -23.65 41.57
C PHE B 146 7.14 -22.88 41.13
N ALA B 147 7.13 -22.38 39.89
CA ALA B 147 8.35 -21.80 39.33
C ALA B 147 8.10 -20.39 38.80
N GLU B 148 7.77 -20.25 37.52
CA GLU B 148 7.52 -18.93 36.96
C GLU B 148 6.18 -18.94 36.23
N ASN B 149 5.63 -17.74 36.08
CA ASN B 149 4.39 -17.60 35.33
C ASN B 149 4.72 -17.71 33.84
N VAL B 150 3.73 -18.13 33.08
CA VAL B 150 3.85 -18.06 31.63
C VAL B 150 3.74 -16.59 31.24
N GLU B 151 4.77 -16.08 30.60
CA GLU B 151 4.75 -14.68 30.16
C GLU B 151 3.60 -14.40 29.22
N LEU B 152 3.27 -15.32 28.30
CA LEU B 152 2.24 -15.06 27.28
C LEU B 152 1.43 -16.32 27.03
N VAL B 153 0.11 -16.25 27.19
CA VAL B 153 -0.78 -17.28 26.63
C VAL B 153 -1.44 -16.68 25.38
N THR B 154 -1.45 -17.43 24.28
CA THR B 154 -1.91 -16.89 23.01
C THR B 154 -2.70 -17.93 22.23
N VAL B 155 -3.65 -17.41 21.45
CA VAL B 155 -4.44 -18.16 20.48
C VAL B 155 -4.44 -17.32 19.21
N ALA B 156 -3.87 -17.86 18.15
CA ALA B 156 -4.00 -17.25 16.83
C ALA B 156 -5.21 -17.89 16.15
N GLY B 157 -6.37 -17.26 16.28
CA GLY B 157 -7.58 -17.70 15.62
C GLY B 157 -7.84 -16.86 14.39
N ASP B 158 -9.12 -16.68 14.08
CA ASP B 158 -9.46 -15.66 13.10
C ASP B 158 -9.02 -14.28 13.61
N ASP B 159 -9.26 -14.02 14.89
CA ASP B 159 -8.60 -12.97 15.65
C ASP B 159 -7.41 -13.59 16.40
N ILE B 160 -6.37 -12.79 16.59
CA ILE B 160 -5.17 -13.21 17.31
C ILE B 160 -5.20 -12.59 18.70
N HIS B 161 -5.11 -13.42 19.71
CA HIS B 161 -5.24 -13.03 21.11
C HIS B 161 -3.92 -13.21 21.81
N TYR B 162 -3.51 -12.19 22.57
CA TYR B 162 -2.29 -12.19 23.40
C TYR B 162 -2.67 -11.84 24.85
N TRP B 163 -2.59 -12.82 25.77
CA TRP B 163 -2.90 -12.68 27.23
C TRP B 163 -1.57 -12.67 27.97
N TRP B 164 -1.12 -11.46 28.29
CA TRP B 164 0.17 -11.22 28.92
C TRP B 164 0.06 -11.34 30.43
N ASP B 165 1.05 -11.96 31.04
CA ASP B 165 1.09 -12.11 32.49
C ASP B 165 1.06 -10.74 33.18
N ASP B 166 1.74 -9.76 32.61
CA ASP B 166 1.90 -8.43 33.18
C ASP B 166 0.67 -7.53 33.01
N LYS B 167 -0.38 -8.01 32.36
CA LYS B 167 -1.58 -7.24 32.10
C LYS B 167 -2.10 -6.51 33.34
N LYS B 173 -8.74 -2.97 25.75
CA LYS B 173 -7.93 -3.39 24.59
C LYS B 173 -7.63 -2.18 23.70
N PRO B 174 -6.37 -2.02 23.25
CA PRO B 174 -6.03 -0.82 22.47
C PRO B 174 -6.57 -0.89 21.06
N ILE B 175 -6.85 0.29 20.51
CA ILE B 175 -7.29 0.32 19.14
C ILE B 175 -6.07 0.27 18.24
N ALA B 176 -6.27 -0.21 17.03
CA ALA B 176 -5.19 -0.28 16.08
C ALA B 176 -4.50 1.06 15.96
N PHE B 177 -3.18 1.01 15.71
CA PHE B 177 -2.29 2.09 15.30
C PHE B 177 -1.84 2.97 16.47
N THR B 178 -2.32 2.72 17.70
CA THR B 178 -1.92 3.51 18.85
C THR B 178 -0.70 2.89 19.51
N SER B 179 -0.23 3.55 20.58
CA SER B 179 0.96 3.10 21.27
C SER B 179 0.77 1.72 21.87
N GLY B 180 -0.47 1.37 22.23
CA GLY B 180 -0.75 0.02 22.69
C GLY B 180 -0.43 -1.07 21.67
N MET B 181 -0.66 -0.79 20.39
CA MET B 181 -0.26 -1.72 19.34
C MET B 181 1.25 -1.89 19.30
N THR B 182 1.97 -0.77 19.30
CA THR B 182 3.43 -0.80 19.30
C THR B 182 3.99 -1.55 20.51
N ASP B 183 3.39 -1.35 21.70
CA ASP B 183 3.82 -2.05 22.91
C ASP B 183 3.68 -3.56 22.74
N THR B 184 2.61 -4.01 22.08
CA THR B 184 2.45 -5.44 21.81
C THR B 184 3.54 -5.94 20.89
N PHE B 185 3.73 -5.28 19.72
CA PHE B 185 4.69 -5.73 18.73
C PHE B 185 6.10 -5.77 19.31
N GLN B 186 6.42 -4.88 20.25
CA GLN B 186 7.73 -4.88 20.88
C GLN B 186 8.00 -6.15 21.64
N LYS B 187 6.99 -6.90 22.01
CA LYS B 187 7.19 -8.15 22.73
C LYS B 187 7.19 -9.36 21.80
N LEU B 188 7.00 -9.16 20.49
CA LEU B 188 6.85 -10.24 19.54
C LEU B 188 8.09 -10.43 18.65
N THR B 189 8.23 -11.65 18.17
CA THR B 189 9.24 -11.99 17.17
C THR B 189 8.56 -12.27 15.84
N ALA B 190 8.98 -11.56 14.80
CA ALA B 190 8.52 -11.83 13.45
C ALA B 190 9.63 -12.52 12.63
N ALA B 191 9.25 -13.44 11.76
CA ALA B 191 10.15 -14.02 10.76
C ALA B 191 9.69 -13.67 9.34
N ILE B 192 10.59 -13.11 8.54
CA ILE B 192 10.35 -12.86 7.12
C ILE B 192 11.17 -13.87 6.29
N ILE B 193 10.46 -14.69 5.56
CA ILE B 193 11.03 -15.73 4.69
C ILE B 193 10.98 -15.21 3.26
N GLY B 194 12.14 -14.89 2.71
CA GLY B 194 12.23 -14.21 1.42
C GLY B 194 12.31 -12.72 1.66
N VAL B 195 13.45 -12.10 1.35
CA VAL B 195 13.68 -10.71 1.69
C VAL B 195 14.08 -9.97 0.40
N SER B 196 13.13 -9.87 -0.52
CA SER B 196 13.44 -9.32 -1.85
C SER B 196 12.28 -8.39 -2.23
N GLY B 197 11.60 -8.63 -3.36
CA GLY B 197 10.55 -7.76 -3.84
C GLY B 197 9.42 -7.45 -2.85
N THR B 198 8.67 -8.45 -2.42
CA THR B 198 7.68 -8.21 -1.35
C THR B 198 8.30 -8.28 0.04
N GLY B 199 9.31 -9.14 0.23
CA GLY B 199 9.82 -9.39 1.57
C GLY B 199 10.60 -8.22 2.14
N SER B 200 11.27 -7.43 1.29
CA SER B 200 11.96 -6.28 1.86
C SER B 200 10.92 -5.24 2.31
N ILE B 201 9.78 -5.20 1.65
CA ILE B 201 8.73 -4.26 2.05
C ILE B 201 8.02 -4.74 3.30
N VAL B 202 7.77 -6.05 3.41
CA VAL B 202 7.19 -6.57 4.66
C VAL B 202 8.16 -6.33 5.80
N ALA B 203 9.44 -6.66 5.60
CA ALA B 203 10.43 -6.48 6.64
C ALA B 203 10.58 -5.01 7.05
N GLU B 204 10.57 -4.10 6.07
CA GLU B 204 10.58 -2.66 6.40
C GLU B 204 9.42 -2.28 7.32
N GLN B 205 8.21 -2.71 6.98
CA GLN B 205 7.03 -2.35 7.80
C GLN B 205 7.13 -2.94 9.20
N VAL B 206 7.53 -4.21 9.26
CA VAL B 206 7.69 -4.90 10.54
C VAL B 206 8.72 -4.16 11.38
N ALA B 207 9.81 -3.72 10.77
CA ALA B 207 10.83 -2.99 11.56
C ALA B 207 10.29 -1.64 12.06
N ARG B 208 9.64 -0.90 11.20
CA ARG B 208 9.18 0.43 11.61
C ARG B 208 7.94 0.40 12.48
N LEU B 209 7.18 -0.70 12.44
CA LEU B 209 6.07 -0.91 13.36
C LEU B 209 6.52 -1.30 14.77
N GLY B 210 7.79 -1.59 14.99
CA GLY B 210 8.28 -1.79 16.33
C GLY B 210 8.40 -3.21 16.81
N PHE B 211 8.37 -4.21 15.91
CA PHE B 211 8.59 -5.58 16.36
C PHE B 211 9.91 -5.73 17.11
N GLY B 212 9.88 -6.48 18.22
CA GLY B 212 11.04 -6.54 19.08
C GLY B 212 12.17 -7.40 18.57
N GLU B 213 11.87 -8.38 17.72
CA GLU B 213 12.89 -9.24 17.13
C GLU B 213 12.44 -9.68 15.76
N ILE B 214 13.34 -9.62 14.80
CA ILE B 214 13.01 -9.78 13.38
C ILE B 214 14.01 -10.77 12.76
N LEU B 215 13.53 -11.98 12.41
CA LEU B 215 14.34 -12.95 11.70
C LEU B 215 14.22 -12.70 10.19
N LEU B 216 15.34 -12.74 9.48
CA LEU B 216 15.40 -12.54 8.04
C LEU B 216 16.03 -13.78 7.38
N ILE B 217 15.28 -14.47 6.56
CA ILE B 217 15.70 -15.77 6.01
C ILE B 217 15.65 -15.73 4.48
N ASP B 218 16.83 -15.83 3.84
CA ASP B 218 16.98 -15.85 2.39
C ASP B 218 18.41 -16.28 2.09
N HIS B 219 18.57 -17.02 0.99
CA HIS B 219 19.91 -17.48 0.56
C HIS B 219 20.52 -16.61 -0.55
N ASP B 220 19.78 -15.62 -1.02
CA ASP B 220 20.17 -14.96 -2.29
C ASP B 220 20.86 -13.63 -1.96
N HIS B 221 21.48 -13.04 -2.98
CA HIS B 221 22.24 -11.82 -2.88
C HIS B 221 21.66 -10.75 -3.81
N ILE B 222 22.11 -9.54 -3.59
CA ILE B 222 21.64 -8.40 -4.36
C ILE B 222 22.46 -8.33 -5.65
N GLU B 223 21.76 -8.07 -6.75
CA GLU B 223 22.33 -7.82 -8.09
C GLU B 223 21.75 -6.54 -8.67
N LYS B 224 22.37 -6.03 -9.72
CA LYS B 224 21.90 -4.80 -10.31
C LYS B 224 20.43 -4.89 -10.64
N LYS B 225 19.98 -6.07 -11.09
CA LYS B 225 18.59 -6.26 -11.53
C LYS B 225 17.59 -6.04 -10.40
N ASN B 226 17.98 -6.21 -9.13
CA ASN B 226 16.94 -6.05 -8.10
C ASN B 226 17.00 -4.70 -7.38
N LEU B 227 17.84 -3.78 -7.87
CA LEU B 227 17.83 -2.40 -7.36
C LEU B 227 16.56 -1.66 -7.70
N ASN B 228 15.76 -2.15 -8.62
CA ASN B 228 14.45 -1.51 -8.82
C ASN B 228 13.39 -1.91 -7.78
N ARG B 229 13.74 -2.76 -6.81
CA ARG B 229 12.73 -3.33 -5.93
C ARG B 229 13.11 -3.48 -4.47
N ILE B 230 14.36 -3.71 -4.11
CA ILE B 230 14.67 -4.16 -2.73
C ILE B 230 14.92 -2.95 -1.83
N LEU B 231 14.02 -2.73 -0.89
CA LEU B 231 14.17 -1.57 -0.01
C LEU B 231 15.50 -1.65 0.75
N ASN B 232 16.14 -0.48 0.88
CA ASN B 232 17.42 -0.20 1.52
C ASN B 232 18.61 -0.62 0.70
N SER B 233 18.42 -1.33 -0.41
CA SER B 233 19.55 -1.79 -1.20
C SER B 233 20.17 -0.62 -1.95
N THR B 234 21.49 -0.70 -2.14
CA THR B 234 22.26 0.34 -2.82
C THR B 234 23.03 -0.22 -3.99
N LEU B 235 23.51 0.68 -4.85
CA LEU B 235 24.30 0.21 -5.96
C LEU B 235 25.54 -0.53 -5.47
N LYS B 236 26.18 -0.03 -4.41
CA LYS B 236 27.34 -0.74 -3.88
C LYS B 236 26.98 -2.16 -3.45
N ASP B 237 25.84 -2.33 -2.78
CA ASP B 237 25.32 -3.66 -2.46
C ASP B 237 25.29 -4.55 -3.68
N ALA B 238 24.72 -4.04 -4.78
CA ALA B 238 24.59 -4.84 -6.01
C ALA B 238 25.95 -5.15 -6.61
N LEU B 239 26.85 -4.16 -6.63
CA LEU B 239 28.13 -4.39 -7.29
C LEU B 239 29.01 -5.32 -6.49
N SER B 240 28.76 -5.47 -5.20
CA SER B 240 29.52 -6.36 -4.33
C SER B 240 28.74 -7.64 -3.98
N HIS B 241 27.60 -7.89 -4.60
CA HIS B 241 26.81 -9.11 -4.38
C HIS B 241 26.58 -9.39 -2.90
N ARG B 242 26.09 -8.37 -2.19
CA ARG B 242 25.86 -8.49 -0.77
C ARG B 242 24.65 -9.37 -0.50
N PRO B 243 24.71 -10.30 0.46
CA PRO B 243 23.52 -11.12 0.77
C PRO B 243 22.33 -10.28 1.19
N LYS B 244 21.13 -10.64 0.69
CA LYS B 244 19.95 -9.86 1.01
C LYS B 244 19.75 -9.72 2.52
N VAL B 245 19.91 -10.82 3.27
CA VAL B 245 19.61 -10.74 4.70
C VAL B 245 20.64 -9.91 5.43
N ASP B 246 21.90 -9.94 5.00
CA ASP B 246 22.90 -9.16 5.73
C ASP B 246 22.68 -7.68 5.51
N MET B 247 22.36 -7.31 4.28
CA MET B 247 22.03 -5.93 3.95
C MET B 247 20.86 -5.45 4.80
N PHE B 248 19.75 -6.24 4.81
CA PHE B 248 18.55 -5.78 5.51
C PHE B 248 18.78 -5.76 7.02
N ALA B 249 19.52 -6.74 7.56
CA ALA B 249 19.80 -6.71 9.00
C ALA B 249 20.55 -5.42 9.38
N GLU B 250 21.52 -5.01 8.57
CA GLU B 250 22.25 -3.77 8.86
C GLU B 250 21.36 -2.56 8.74
N ALA B 251 20.47 -2.55 7.75
CA ALA B 251 19.50 -1.47 7.64
C ALA B 251 18.62 -1.37 8.89
N ILE B 252 18.10 -2.50 9.39
CA ILE B 252 17.31 -2.49 10.62
C ILE B 252 18.12 -1.95 11.77
N ARG B 253 19.40 -2.31 11.82
CA ARG B 253 20.20 -1.87 12.95
C ARG B 253 20.31 -0.33 12.96
N CYS B 254 20.44 0.31 11.80
CA CYS B 254 20.57 1.76 11.74
C CYS B 254 19.23 2.46 11.95
N ILE B 255 18.16 1.87 11.43
CA ILE B 255 16.83 2.42 11.61
C ILE B 255 16.40 2.35 13.05
N ARG B 256 16.53 1.16 13.66
CA ARG B 256 15.96 0.92 14.98
C ARG B 256 16.95 1.23 16.10
N GLY B 257 18.22 1.43 15.75
CA GLY B 257 19.24 1.84 16.70
C GLY B 257 19.71 0.74 17.63
N GLU B 258 19.50 -0.51 17.25
CA GLU B 258 19.66 -1.59 18.21
C GLU B 258 19.75 -2.82 17.35
N ASP B 259 20.48 -3.86 17.81
CA ASP B 259 20.60 -5.08 17.02
C ASP B 259 19.45 -6.02 17.42
N ILE B 260 18.37 -5.92 16.65
CA ILE B 260 17.16 -6.72 16.86
C ILE B 260 16.89 -7.66 15.70
N SER B 261 17.65 -7.56 14.60
CA SER B 261 17.50 -8.42 13.46
C SER B 261 18.41 -9.63 13.59
N ARG B 262 17.95 -10.73 13.03
CA ARG B 262 18.68 -11.98 12.98
C ARG B 262 18.76 -12.45 11.53
N PRO B 263 19.87 -12.21 10.83
CA PRO B 263 19.94 -12.63 9.42
C PRO B 263 20.30 -14.11 9.37
N ILE B 264 19.59 -14.86 8.53
CA ILE B 264 19.91 -16.27 8.27
C ILE B 264 20.12 -16.37 6.79
N ASN B 265 21.38 -16.50 6.35
CA ASN B 265 21.72 -16.60 4.97
C ASN B 265 21.69 -18.10 4.61
N ASN B 266 20.52 -18.59 4.25
CA ASN B 266 20.31 -20.03 4.02
C ASN B 266 18.93 -20.17 3.40
N THR B 267 18.70 -21.32 2.76
CA THR B 267 17.34 -21.68 2.39
C THR B 267 16.48 -21.89 3.64
N ILE B 268 15.18 -21.56 3.52
CA ILE B 268 14.25 -21.95 4.57
C ILE B 268 14.26 -23.48 4.76
N PHE B 269 14.62 -24.24 3.72
CA PHE B 269 14.63 -25.72 3.74
C PHE B 269 15.94 -26.21 4.37
N SER B 270 16.13 -25.88 5.65
CA SER B 270 17.34 -26.24 6.37
C SER B 270 17.02 -26.29 7.85
N ARG B 271 17.75 -27.14 8.59
CA ARG B 271 17.55 -27.21 10.02
C ARG B 271 17.83 -25.83 10.64
N GLU B 272 18.84 -25.13 10.14
CA GLU B 272 19.16 -23.84 10.72
C GLU B 272 17.96 -22.91 10.62
N ALA B 273 17.39 -22.77 9.43
CA ALA B 273 16.31 -21.81 9.25
C ALA B 273 15.04 -22.25 9.94
N VAL B 274 14.69 -23.54 9.85
CA VAL B 274 13.44 -24.04 10.48
C VAL B 274 13.49 -23.89 11.98
N LEU B 275 14.62 -24.26 12.60
CA LEU B 275 14.73 -24.16 14.06
C LEU B 275 14.76 -22.72 14.54
N ALA B 276 15.27 -21.78 13.73
CA ALA B 276 15.19 -20.36 14.10
C ALA B 276 13.77 -19.84 13.95
N ALA B 277 13.14 -20.12 12.81
CA ALA B 277 11.79 -19.60 12.55
C ALA B 277 10.77 -20.14 13.52
N ALA B 278 11.00 -21.35 14.05
CA ALA B 278 10.13 -21.97 15.04
C ALA B 278 9.97 -21.10 16.29
N ASN B 279 10.92 -20.21 16.56
CA ASN B 279 10.86 -19.29 17.69
C ASN B 279 9.94 -18.13 17.44
N ALA B 280 9.48 -17.91 16.20
CA ALA B 280 8.74 -16.70 15.92
C ALA B 280 7.28 -16.77 16.39
N ASP B 281 6.72 -15.60 16.66
CA ASP B 281 5.29 -15.43 16.90
C ASP B 281 4.48 -15.26 15.65
N VAL B 282 5.09 -14.91 14.53
CA VAL B 282 4.37 -14.77 13.27
C VAL B 282 5.37 -14.98 12.14
N LEU B 283 4.92 -15.68 11.10
CA LEU B 283 5.70 -15.94 9.90
C LEU B 283 5.12 -15.12 8.75
N PHE B 284 5.95 -14.39 8.06
CA PHE B 284 5.58 -13.72 6.80
C PHE B 284 6.35 -14.43 5.68
N CYS B 285 5.64 -15.05 4.78
CA CYS B 285 6.25 -15.81 3.68
C CYS B 285 6.13 -15.01 2.39
N CYS B 286 7.29 -14.62 1.85
CA CYS B 286 7.43 -13.69 0.70
C CYS B 286 8.41 -14.26 -0.32
N VAL B 287 8.13 -15.46 -0.78
CA VAL B 287 9.08 -16.22 -1.59
C VAL B 287 8.60 -16.33 -3.02
N ASP B 288 9.48 -16.81 -3.89
CA ASP B 288 9.08 -17.09 -5.27
C ASP B 288 9.19 -18.58 -5.62
N THR B 289 9.17 -19.48 -4.62
CA THR B 289 9.10 -20.91 -4.92
C THR B 289 7.98 -21.62 -4.15
N TYR B 290 7.43 -22.64 -4.82
CA TYR B 290 6.46 -23.49 -4.19
C TYR B 290 7.06 -24.22 -3.03
N LEU B 291 8.34 -24.63 -3.18
CA LEU B 291 8.99 -25.42 -2.15
C LEU B 291 9.10 -24.65 -0.86
N ALA B 292 9.49 -23.35 -0.94
CA ALA B 292 9.58 -22.57 0.30
C ALA B 292 8.21 -22.32 0.93
N ARG B 293 7.16 -22.17 0.13
CA ARG B 293 5.84 -21.98 0.74
C ARG B 293 5.41 -23.22 1.51
N MET B 294 5.76 -24.39 1.00
CA MET B 294 5.45 -25.64 1.69
C MET B 294 6.22 -25.72 2.99
N ILE B 295 7.51 -25.35 2.99
CA ILE B 295 8.24 -25.38 4.27
C ILE B 295 7.56 -24.45 5.30
N ALA B 296 7.29 -23.22 4.89
CA ALA B 296 6.61 -22.24 5.78
C ALA B 296 5.29 -22.78 6.32
N ASP B 297 4.48 -23.42 5.45
CA ASP B 297 3.20 -24.02 5.89
C ASP B 297 3.42 -25.03 7.00
N ARG B 298 4.45 -25.88 6.84
CA ARG B 298 4.71 -26.92 7.83
C ARG B 298 5.35 -26.39 9.09
N ILE B 299 6.18 -25.35 9.00
CA ILE B 299 6.66 -24.70 10.23
C ILE B 299 5.47 -24.16 11.00
N ALA B 300 4.57 -23.49 10.31
CA ALA B 300 3.45 -22.82 10.96
C ALA B 300 2.58 -23.82 11.70
N SER B 301 2.30 -24.95 11.08
CA SER B 301 1.46 -25.94 11.75
C SER B 301 2.20 -26.62 12.88
N SER B 302 3.47 -27.01 12.63
CA SER B 302 4.21 -27.78 13.61
C SER B 302 4.41 -26.98 14.91
N PHE B 303 4.65 -25.68 14.81
CA PHE B 303 5.02 -24.84 15.95
C PHE B 303 3.93 -23.84 16.31
N LEU B 304 2.73 -24.01 15.78
CA LEU B 304 1.56 -23.20 16.08
C LEU B 304 1.85 -21.70 15.93
N ILE B 305 2.25 -21.31 14.72
CA ILE B 305 2.59 -19.93 14.41
C ILE B 305 1.64 -19.44 13.31
N PRO B 306 0.94 -18.32 13.51
CA PRO B 306 0.18 -17.73 12.38
C PRO B 306 1.11 -17.35 11.25
N LEU B 307 0.59 -17.50 10.04
CA LEU B 307 1.32 -17.41 8.81
C LEU B 307 0.59 -16.51 7.82
N LEU B 308 1.30 -15.52 7.30
CA LEU B 308 0.80 -14.67 6.22
C LEU B 308 1.69 -14.95 5.00
N ASP B 309 1.09 -15.37 3.91
CA ASP B 309 1.78 -15.69 2.65
C ASP B 309 1.28 -14.75 1.58
N VAL B 310 2.21 -14.15 0.83
CA VAL B 310 1.86 -13.13 -0.16
C VAL B 310 2.56 -13.43 -1.46
N GLY B 311 1.83 -13.22 -2.56
CA GLY B 311 2.35 -13.44 -3.90
C GLY B 311 1.74 -12.44 -4.86
N VAL B 312 2.49 -12.16 -5.93
CA VAL B 312 2.03 -11.25 -6.97
C VAL B 312 2.45 -11.85 -8.29
N LYS B 313 1.78 -11.42 -9.36
CA LYS B 313 2.03 -12.01 -10.66
C LYS B 313 1.62 -11.02 -11.72
N ILE B 314 2.40 -10.94 -12.79
CA ILE B 314 2.03 -10.09 -13.91
C ILE B 314 2.08 -10.94 -15.18
N PRO B 315 1.09 -11.80 -15.43
CA PRO B 315 1.12 -12.64 -16.63
C PRO B 315 1.04 -11.82 -17.90
N THR B 316 1.69 -12.29 -18.96
CA THR B 316 1.62 -11.60 -20.25
C THR B 316 1.28 -12.62 -21.34
N HIS B 317 0.85 -12.07 -22.48
CA HIS B 317 0.57 -12.89 -23.66
C HIS B 317 0.85 -12.06 -24.90
N VAL B 318 0.91 -12.73 -26.05
CA VAL B 318 1.21 -12.09 -27.32
C VAL B 318 -0.09 -11.90 -28.09
N ASP B 319 -0.51 -10.66 -28.22
CA ASP B 319 -1.67 -10.29 -29.01
C ASP B 319 -1.28 -10.17 -30.49
N PRO B 320 -2.18 -10.56 -31.41
CA PRO B 320 -1.79 -10.57 -32.85
C PRO B 320 -1.55 -9.19 -33.44
N ASP B 321 -2.34 -8.20 -33.02
CA ASP B 321 -2.25 -6.85 -33.57
C ASP B 321 -1.38 -5.92 -32.73
N ASP B 322 -1.18 -6.23 -31.45
CA ASP B 322 -0.41 -5.35 -30.57
C ASP B 322 0.95 -5.92 -30.18
N GLY B 323 1.17 -7.22 -30.34
CA GLY B 323 2.36 -7.81 -29.77
C GLY B 323 2.15 -8.17 -28.29
N ARG B 324 3.26 -8.28 -27.57
CA ARG B 324 3.20 -8.66 -26.16
C ARG B 324 2.37 -7.64 -25.39
N LYS B 325 1.47 -8.12 -24.54
CA LYS B 325 0.78 -7.21 -23.65
C LYS B 325 0.59 -7.83 -22.28
N ILE B 326 0.22 -6.95 -21.34
CA ILE B 326 -0.11 -7.35 -19.97
C ILE B 326 -1.46 -8.05 -19.95
N THR B 327 -1.48 -9.34 -19.55
CA THR B 327 -2.72 -10.08 -19.36
C THR B 327 -3.46 -9.65 -18.09
N ASP B 328 -2.71 -9.46 -17.00
CA ASP B 328 -3.32 -9.19 -15.71
C ASP B 328 -2.19 -8.75 -14.79
N VAL B 329 -2.56 -8.16 -13.67
CA VAL B 329 -1.67 -7.64 -12.63
C VAL B 329 -2.33 -7.96 -11.33
N THR B 330 -1.81 -8.98 -10.60
CA THR B 330 -2.58 -9.62 -9.51
C THR B 330 -1.72 -9.80 -8.27
N GLY B 331 -2.42 -9.89 -7.14
CA GLY B 331 -1.82 -10.20 -5.87
C GLY B 331 -2.72 -11.11 -5.06
N ARG B 332 -2.09 -11.79 -4.11
CA ARG B 332 -2.74 -12.76 -3.24
C ARG B 332 -2.18 -12.62 -1.86
N ILE B 333 -3.06 -12.59 -0.84
CA ILE B 333 -2.67 -12.64 0.56
C ILE B 333 -3.44 -13.78 1.21
N ASP B 334 -2.69 -14.71 1.84
CA ASP B 334 -3.28 -15.83 2.56
C ASP B 334 -2.91 -15.75 4.04
N TYR B 335 -3.92 -15.75 4.90
CA TYR B 335 -3.74 -15.91 6.34
C TYR B 335 -4.08 -17.35 6.75
N VAL B 336 -3.13 -18.01 7.41
CA VAL B 336 -3.25 -19.37 7.89
C VAL B 336 -3.11 -19.37 9.41
N LYS B 337 -4.17 -19.80 10.11
CA LYS B 337 -4.17 -19.94 11.56
C LYS B 337 -3.90 -21.41 11.92
N PRO B 338 -3.25 -21.67 13.05
CA PRO B 338 -2.94 -23.08 13.40
C PRO B 338 -4.21 -23.87 13.62
N GLY B 339 -4.32 -24.95 12.85
CA GLY B 339 -5.49 -25.80 12.83
C GLY B 339 -6.56 -25.39 11.85
N GLY B 340 -6.44 -24.21 11.23
CA GLY B 340 -7.33 -23.86 10.13
C GLY B 340 -6.78 -24.45 8.86
N SER B 341 -7.45 -24.13 7.73
CA SER B 341 -7.00 -24.58 6.44
C SER B 341 -5.60 -24.04 6.15
N THR B 342 -4.83 -24.85 5.45
CA THR B 342 -3.41 -24.59 5.19
C THR B 342 -3.20 -24.11 3.76
N LEU B 343 -1.96 -23.68 3.48
CA LEU B 343 -1.62 -23.32 2.09
C LEU B 343 -1.78 -24.53 1.18
N SER B 344 -1.45 -25.73 1.69
CA SER B 344 -1.67 -26.97 0.93
C SER B 344 -3.16 -27.19 0.62
N ASP B 345 -4.05 -26.99 1.62
CA ASP B 345 -5.50 -27.09 1.39
C ASP B 345 -5.96 -26.12 0.31
N ARG B 346 -5.37 -24.97 0.28
CA ARG B 346 -5.75 -23.91 -0.67
C ARG B 346 -5.11 -24.07 -2.04
N LEU B 347 -4.30 -25.11 -2.23
CA LEU B 347 -3.62 -25.36 -3.49
C LEU B 347 -2.60 -24.30 -3.83
N VAL B 348 -2.07 -23.58 -2.83
CA VAL B 348 -1.03 -22.61 -3.12
C VAL B 348 0.22 -23.30 -3.67
N TYR B 349 0.47 -24.53 -3.21
CA TYR B 349 1.42 -25.43 -3.84
C TYR B 349 0.72 -26.78 -3.92
N THR B 350 1.27 -27.64 -4.78
CA THR B 350 0.86 -29.02 -4.96
C THR B 350 2.12 -29.81 -5.25
N PRO B 351 2.06 -31.16 -5.15
CA PRO B 351 3.23 -31.95 -5.51
C PRO B 351 3.68 -31.71 -6.93
N GLU B 352 2.74 -31.59 -7.87
CA GLU B 352 3.11 -31.37 -9.26
C GLU B 352 3.84 -30.06 -9.48
N LEU B 353 3.42 -29.01 -8.79
CA LEU B 353 4.07 -27.73 -8.96
C LEU B 353 5.46 -27.74 -8.33
N ILE B 354 5.60 -28.37 -7.16
CA ILE B 354 6.92 -28.50 -6.56
C ILE B 354 7.77 -29.35 -7.45
N TYR B 355 7.22 -30.47 -7.94
CA TYR B 355 8.00 -31.36 -8.80
C TYR B 355 8.62 -30.58 -9.98
N ARG B 356 7.80 -29.85 -10.71
CA ARG B 356 8.30 -29.18 -11.93
C ARG B 356 9.34 -28.10 -11.59
N GLU B 357 9.10 -27.37 -10.54
CA GLU B 357 10.02 -26.30 -10.11
C GLU B 357 11.41 -26.85 -9.79
N ASN B 358 11.49 -28.06 -9.27
CA ASN B 358 12.76 -28.54 -8.72
C ASN B 358 13.45 -29.52 -9.64
N LEU B 359 12.99 -29.64 -10.88
CA LEU B 359 13.82 -30.18 -11.96
C LEU B 359 14.93 -29.19 -12.30
N ASN B 360 16.11 -29.69 -12.62
CA ASN B 360 17.16 -28.81 -13.16
C ASN B 360 16.86 -28.45 -14.62
N ALA B 361 17.65 -27.51 -15.15
CA ALA B 361 17.37 -26.98 -16.49
C ALA B 361 17.21 -28.09 -17.53
N GLU B 362 18.12 -29.07 -17.51
CA GLU B 362 18.05 -30.06 -18.57
C GLU B 362 16.89 -31.01 -18.35
N GLU B 363 16.63 -31.41 -17.09
CA GLU B 363 15.47 -32.24 -16.81
C GLU B 363 14.19 -31.55 -17.26
N TYR B 364 14.06 -30.25 -16.95
CA TYR B 364 12.85 -29.52 -17.31
C TYR B 364 12.62 -29.53 -18.82
N GLU B 365 13.64 -29.12 -19.57
CA GLU B 365 13.51 -29.12 -21.03
C GLU B 365 13.19 -30.52 -21.54
N GLU B 366 13.94 -31.52 -21.04
CA GLU B 366 13.74 -32.88 -21.56
C GLU B 366 12.33 -33.38 -21.27
N GLN B 367 11.82 -33.16 -20.03
CA GLN B 367 10.50 -33.66 -19.65
C GLN B 367 9.36 -32.81 -20.19
N LEU B 368 9.60 -31.53 -20.47
CA LEU B 368 8.59 -30.74 -21.18
C LEU B 368 8.31 -31.35 -22.56
N GLU B 369 9.36 -31.80 -23.25
CA GLU B 369 9.19 -32.43 -24.56
C GLU B 369 8.29 -33.67 -24.46
N ARG B 370 8.44 -34.45 -23.38
CA ARG B 370 7.69 -35.72 -23.23
C ARG B 370 6.20 -35.45 -22.97
N GLY B 371 5.83 -34.28 -22.44
CA GLY B 371 4.44 -33.91 -22.28
C GLY B 371 3.75 -34.40 -21.01
N PHE B 372 4.49 -34.82 -19.98
CA PHE B 372 3.86 -35.11 -18.71
C PHE B 372 3.74 -33.85 -17.86
N ILE B 373 4.77 -33.05 -17.80
CA ILE B 373 4.68 -31.72 -17.19
C ILE B 373 4.22 -30.73 -18.24
N THR B 374 3.79 -29.56 -17.78
CA THR B 374 3.39 -28.45 -18.65
C THR B 374 4.34 -27.26 -18.44
N GLY B 375 4.44 -26.41 -19.45
CA GLY B 375 5.39 -25.33 -19.40
C GLY B 375 4.97 -24.24 -18.44
N VAL B 376 5.96 -23.56 -17.85
CA VAL B 376 5.68 -22.43 -16.97
C VAL B 376 5.20 -21.25 -17.80
N GLU B 377 4.36 -20.40 -17.21
CA GLU B 377 3.73 -19.31 -17.96
C GLU B 377 4.61 -18.07 -17.96
N GLU B 378 4.41 -17.24 -18.99
CA GLU B 378 5.22 -16.03 -19.17
C GLU B 378 4.69 -14.89 -18.32
N GLU B 379 5.60 -14.06 -17.79
CA GLU B 379 5.25 -12.90 -16.99
C GLU B 379 6.14 -11.70 -17.31
N ALA B 380 5.62 -10.51 -17.03
CA ALA B 380 6.44 -9.31 -17.09
C ALA B 380 7.37 -9.23 -15.88
N PRO B 381 8.34 -8.33 -15.92
CA PRO B 381 9.20 -8.14 -14.74
C PRO B 381 8.38 -7.65 -13.54
N SER B 382 8.81 -8.07 -12.37
CA SER B 382 8.26 -7.58 -11.12
C SER B 382 8.43 -6.07 -11.01
N VAL B 383 7.57 -5.41 -10.22
CA VAL B 383 7.62 -3.96 -10.15
C VAL B 383 7.29 -3.51 -8.73
N ILE B 384 7.97 -2.46 -8.26
CA ILE B 384 7.89 -2.10 -6.85
C ILE B 384 6.47 -1.68 -6.46
N THR B 385 5.71 -1.07 -7.38
CA THR B 385 4.37 -0.58 -7.01
C THR B 385 3.46 -1.74 -6.65
N LEU B 386 3.49 -2.80 -7.46
CA LEU B 386 2.67 -3.96 -7.18
C LEU B 386 3.18 -4.68 -5.94
N ASN B 387 4.51 -4.77 -5.78
CA ASN B 387 5.03 -5.42 -4.59
C ASN B 387 4.56 -4.71 -3.31
N MET B 388 4.59 -3.39 -3.34
CA MET B 388 4.19 -2.59 -2.21
C MET B 388 2.68 -2.67 -1.95
N ARG B 389 1.88 -2.72 -3.03
CA ARG B 389 0.41 -2.85 -2.89
C ARG B 389 0.06 -4.15 -2.18
N ALA B 390 0.81 -5.24 -2.50
CA ALA B 390 0.55 -6.52 -1.85
C ALA B 390 1.16 -6.60 -0.45
N ALA B 391 2.37 -6.12 -0.28
CA ALA B 391 3.05 -6.20 0.99
C ALA B 391 2.39 -5.31 2.05
N SER B 392 1.82 -4.18 1.68
CA SER B 392 1.16 -3.32 2.66
C SER B 392 -0.11 -3.98 3.15
N ALA B 393 -0.87 -4.58 2.25
CA ALA B 393 -2.07 -5.32 2.63
C ALA B 393 -1.72 -6.57 3.44
N CYS B 394 -0.56 -7.16 3.19
CA CYS B 394 -0.14 -8.33 3.96
C CYS B 394 0.09 -7.97 5.43
N VAL B 395 0.84 -6.90 5.69
CA VAL B 395 1.12 -6.51 7.07
C VAL B 395 -0.12 -5.92 7.73
N SER B 396 -0.93 -5.18 6.99
CA SER B 396 -2.21 -4.68 7.53
C SER B 396 -3.10 -5.84 7.97
N GLU B 397 -3.05 -6.96 7.24
CA GLU B 397 -3.82 -8.12 7.65
C GLU B 397 -3.45 -8.58 9.05
N PHE B 398 -2.15 -8.59 9.38
CA PHE B 398 -1.75 -8.96 10.74
C PHE B 398 -2.29 -7.97 11.76
N ILE B 399 -2.19 -6.66 11.47
CA ILE B 399 -2.70 -5.64 12.39
C ILE B 399 -4.19 -5.85 12.60
N ALA B 400 -4.94 -6.09 11.53
CA ALA B 400 -6.38 -6.22 11.63
C ALA B 400 -6.78 -7.42 12.45
N ARG B 401 -5.94 -8.49 12.45
CA ARG B 401 -6.26 -9.67 13.24
C ARG B 401 -5.89 -9.49 14.72
N CYS B 402 -4.83 -8.73 15.02
CA CYS B 402 -4.45 -8.44 16.38
C CYS B 402 -5.33 -7.35 17.02
N PHE B 403 -5.75 -6.37 16.24
CA PHE B 403 -6.44 -5.16 16.76
C PHE B 403 -7.60 -4.87 15.82
N PRO B 404 -8.70 -5.64 15.92
CA PRO B 404 -9.72 -5.59 14.86
C PRO B 404 -10.25 -4.19 14.65
N PHE B 405 -10.32 -3.81 13.39
CA PHE B 405 -10.89 -2.53 12.98
C PHE B 405 -11.85 -2.64 11.80
N ARG B 406 -12.05 -3.83 11.23
CA ARG B 406 -12.89 -3.94 10.05
C ARG B 406 -14.34 -4.10 10.50
N GLU B 407 -15.24 -3.74 9.59
CA GLU B 407 -16.68 -3.83 9.86
C GLU B 407 -17.25 -5.21 9.62
N TYR B 408 -16.41 -6.19 9.32
CA TYR B 408 -16.80 -7.58 9.17
C TYR B 408 -15.85 -8.45 9.97
N PRO B 409 -16.28 -9.66 10.35
CA PRO B 409 -15.37 -10.60 11.01
C PRO B 409 -14.14 -10.89 10.15
N ASN B 410 -13.00 -10.99 10.83
CA ASN B 410 -11.74 -11.20 10.14
C ASN B 410 -11.75 -12.47 9.31
N LYS B 411 -12.55 -13.46 9.73
CA LYS B 411 -12.63 -14.75 9.03
C LYS B 411 -13.06 -14.58 7.57
N ARG B 412 -13.82 -13.54 7.26
CA ARG B 412 -14.20 -13.31 5.88
C ARG B 412 -13.02 -13.03 4.94
N PHE B 413 -11.88 -12.61 5.48
CA PHE B 413 -10.71 -12.18 4.72
C PHE B 413 -9.56 -13.17 4.82
N THR B 414 -9.88 -14.45 4.97
CA THR B 414 -8.86 -15.48 5.11
C THR B 414 -7.98 -15.58 3.86
N ARG B 415 -8.56 -15.47 2.69
CA ARG B 415 -7.79 -15.25 1.46
C ARG B 415 -8.25 -13.95 0.81
N THR B 416 -7.30 -13.17 0.29
CA THR B 416 -7.59 -11.99 -0.50
C THR B 416 -6.91 -12.08 -1.85
N PHE B 417 -7.68 -11.82 -2.91
CA PHE B 417 -7.17 -11.74 -4.26
C PHE B 417 -7.52 -10.38 -4.85
N PHE B 418 -6.56 -9.69 -5.47
CA PHE B 418 -6.85 -8.43 -6.13
C PHE B 418 -6.27 -8.44 -7.55
N SER B 419 -6.93 -7.70 -8.43
CA SER B 419 -6.43 -7.46 -9.80
C SER B 419 -6.40 -5.96 -10.06
N LEU B 420 -5.24 -5.44 -10.37
CA LEU B 420 -5.15 -4.04 -10.71
C LEU B 420 -5.55 -3.77 -12.17
N ALA B 421 -5.62 -4.83 -12.98
CA ALA B 421 -6.05 -4.71 -14.38
C ALA B 421 -7.57 -4.75 -14.49
N GLY B 422 -8.20 -5.77 -13.90
CA GLY B 422 -9.64 -5.85 -13.77
C GLY B 422 -10.24 -4.96 -12.71
N VAL B 423 -9.40 -4.37 -11.85
CA VAL B 423 -9.88 -3.44 -10.84
C VAL B 423 -10.95 -4.18 -10.03
N GLU B 424 -10.57 -5.31 -9.44
CA GLU B 424 -11.43 -6.08 -8.56
C GLU B 424 -10.64 -6.61 -7.37
N GLU B 425 -11.32 -6.85 -6.26
CA GLU B 425 -10.70 -7.47 -5.10
C GLU B 425 -11.72 -8.38 -4.47
N ASP B 426 -11.37 -9.66 -4.28
CA ASP B 426 -12.28 -10.72 -3.84
C ASP B 426 -11.74 -11.34 -2.56
N TYR B 427 -12.64 -11.83 -1.70
CA TYR B 427 -12.25 -12.37 -0.41
C TYR B 427 -12.87 -13.75 -0.29
N ILE B 428 -12.16 -14.66 0.38
CA ILE B 428 -12.62 -16.01 0.59
C ILE B 428 -12.66 -16.26 2.10
N ASP B 429 -13.80 -16.77 2.58
CA ASP B 429 -14.00 -17.03 3.99
C ASP B 429 -13.37 -18.38 4.35
N GLU B 430 -12.75 -18.44 5.53
CA GLU B 430 -12.20 -19.71 6.02
C GLU B 430 -13.20 -20.86 5.93
N SER B 431 -14.49 -20.60 6.24
CA SER B 431 -15.46 -21.70 6.24
C SER B 431 -15.73 -22.30 4.86
N SER B 432 -15.30 -21.68 3.77
CA SER B 432 -15.46 -22.24 2.44
C SER B 432 -14.29 -23.14 1.99
N ILE B 433 -13.26 -23.31 2.80
CA ILE B 433 -12.06 -24.04 2.43
C ILE B 433 -12.08 -25.43 3.07
N THR B 434 -11.96 -26.46 2.24
CA THR B 434 -11.90 -27.81 2.75
C THR B 434 -10.57 -28.08 3.41
N GLN B 435 -10.57 -28.77 4.57
CA GLN B 435 -9.35 -29.04 5.31
C GLN B 435 -9.00 -30.52 5.23
N ALA B 436 -7.78 -30.82 4.84
CA ALA B 436 -7.30 -32.20 4.91
C ALA B 436 -6.75 -32.47 6.30
N LEU B 437 -6.50 -33.75 6.57
CA LEU B 437 -5.80 -34.10 7.81
C LEU B 437 -4.50 -33.28 7.92
N ASN B 438 -4.25 -32.75 9.11
CA ASN B 438 -3.07 -31.90 9.38
C ASN B 438 -2.19 -32.70 10.32
N THR B 439 -1.28 -33.48 9.75
CA THR B 439 -0.47 -34.35 10.59
C THR B 439 0.65 -33.60 11.31
N ARG B 440 1.03 -32.40 10.86
CA ARG B 440 2.10 -31.67 11.54
C ARG B 440 1.61 -30.93 12.79
N LEU B 441 0.32 -30.81 13.00
CA LEU B 441 -0.20 -29.79 13.92
C LEU B 441 0.30 -30.02 15.35
N ALA B 442 1.05 -29.05 15.86
CA ALA B 442 1.59 -29.02 17.22
C ALA B 442 2.57 -30.15 17.52
N VAL B 443 3.19 -30.76 16.52
CA VAL B 443 4.19 -31.78 16.81
C VAL B 443 5.55 -31.17 17.13
N GLY B 444 5.72 -29.88 16.92
CA GLY B 444 6.97 -29.26 17.25
C GLY B 444 8.07 -29.90 16.43
N GLY B 445 9.22 -30.13 17.08
CA GLY B 445 10.39 -30.58 16.37
C GLY B 445 10.56 -32.09 16.33
N GLU B 446 9.46 -32.83 16.39
CA GLU B 446 9.55 -34.29 16.23
C GLU B 446 10.33 -34.64 14.97
N GLU B 447 11.16 -35.62 15.06
CA GLU B 447 12.09 -35.89 13.96
C GLU B 447 11.55 -36.96 13.03
N PRO B 448 11.80 -36.89 11.73
CA PRO B 448 12.51 -35.84 11.02
C PRO B 448 11.64 -34.57 11.00
N LEU B 449 12.34 -33.47 11.17
CA LEU B 449 11.71 -32.16 11.29
C LEU B 449 10.76 -31.90 10.11
N LEU B 450 9.56 -31.42 10.43
CA LEU B 450 8.49 -31.14 9.48
C LEU B 450 8.01 -32.40 8.76
N GLY B 451 8.40 -33.59 9.22
CA GLY B 451 8.09 -34.80 8.44
C GLY B 451 8.85 -34.93 7.16
N LEU B 452 9.89 -34.14 6.95
CA LEU B 452 10.67 -34.19 5.71
C LEU B 452 12.03 -34.84 6.02
N PRO B 453 12.30 -36.04 5.51
CA PRO B 453 13.57 -36.73 5.86
C PRO B 453 14.83 -35.95 5.57
N GLU B 454 14.84 -35.06 4.57
CA GLU B 454 16.00 -34.22 4.33
C GLU B 454 16.37 -33.35 5.53
N LEU B 455 15.43 -33.04 6.38
CA LEU B 455 15.67 -32.24 7.56
C LEU B 455 15.98 -33.08 8.80
N GLY B 456 16.11 -34.40 8.65
CA GLY B 456 16.23 -35.24 9.81
C GLY B 456 17.60 -35.08 10.44
N ASP B 457 17.74 -35.51 11.68
CA ASP B 457 19.00 -35.25 12.39
C ASP B 457 20.03 -36.38 12.21
N LYS B 458 19.91 -37.16 11.14
CA LYS B 458 20.77 -38.32 10.90
C LYS B 458 20.44 -39.39 11.95
N THR C 4 -39.66 -2.05 17.28
CA THR C 4 -38.28 -1.61 16.94
C THR C 4 -37.70 -2.23 15.67
N TRP C 5 -36.81 -1.45 15.03
CA TRP C 5 -36.11 -1.83 13.82
C TRP C 5 -34.61 -1.58 14.01
N LYS C 6 -33.82 -2.46 13.41
CA LYS C 6 -32.37 -2.41 13.57
C LYS C 6 -31.70 -1.84 12.31
N LEU C 7 -30.57 -1.16 12.52
CA LEU C 7 -29.76 -0.65 11.41
C LEU C 7 -28.29 -0.78 11.78
N ASN C 8 -27.54 -1.44 10.91
CA ASN C 8 -26.08 -1.46 11.04
C ASN C 8 -25.51 -0.12 10.58
N ILE C 9 -24.83 0.58 11.48
CA ILE C 9 -24.17 1.85 11.19
C ILE C 9 -22.67 1.66 11.41
N GLN C 10 -21.90 1.76 10.34
CA GLN C 10 -20.44 1.73 10.42
C GLN C 10 -19.93 0.44 11.10
N GLY C 11 -20.69 -0.66 10.91
CA GLY C 11 -20.29 -1.97 11.40
C GLY C 11 -20.97 -2.42 12.68
N LYS C 12 -21.82 -1.60 13.28
CA LYS C 12 -22.44 -1.97 14.54
C LYS C 12 -23.92 -1.75 14.44
N GLU C 13 -24.68 -2.71 14.97
CA GLU C 13 -26.14 -2.67 14.96
C GLU C 13 -26.68 -1.74 16.03
N PHE C 14 -27.66 -0.92 15.65
CA PHE C 14 -28.35 -0.03 16.57
C PHE C 14 -29.86 -0.26 16.40
N THR C 15 -30.59 -0.08 17.48
CA THR C 15 -32.04 -0.25 17.48
C THR C 15 -32.73 1.11 17.49
N PHE C 16 -33.71 1.29 16.60
CA PHE C 16 -34.55 2.49 16.58
C PHE C 16 -36.02 2.11 16.76
N ASP C 17 -36.79 3.04 17.31
CA ASP C 17 -38.18 2.77 17.64
C ASP C 17 -39.15 3.31 16.59
N THR C 18 -38.65 3.71 15.43
CA THR C 18 -39.52 4.14 14.33
C THR C 18 -39.15 3.40 13.05
N PRO C 19 -40.13 3.18 12.17
CA PRO C 19 -39.88 2.37 10.96
C PRO C 19 -38.94 3.04 9.96
N THR C 20 -38.96 4.37 9.86
CA THR C 20 -38.02 5.12 9.05
C THR C 20 -37.20 6.01 9.98
N VAL C 21 -35.98 6.37 9.54
CA VAL C 21 -35.13 7.30 10.28
C VAL C 21 -34.49 8.26 9.29
N VAL C 22 -34.28 9.49 9.75
CA VAL C 22 -33.43 10.45 9.03
C VAL C 22 -31.96 10.03 9.21
N ILE C 23 -31.24 9.92 8.10
CA ILE C 23 -29.83 9.49 8.17
C ILE C 23 -29.08 10.31 9.21
N ARG C 24 -29.30 11.64 9.24
CA ARG C 24 -28.66 12.50 10.21
C ARG C 24 -28.83 11.98 11.63
N ASP C 25 -30.05 11.55 11.96
CA ASP C 25 -30.32 11.05 13.31
C ASP C 25 -29.63 9.71 13.55
N ALA C 26 -29.58 8.85 12.54
CA ALA C 26 -28.87 7.59 12.72
C ALA C 26 -27.38 7.83 12.93
N VAL C 27 -26.81 8.80 12.19
CA VAL C 27 -25.37 9.15 12.34
C VAL C 27 -25.11 9.67 13.76
N ILE C 28 -25.98 10.58 14.22
CA ILE C 28 -25.84 11.12 15.60
C ILE C 28 -25.87 10.00 16.62
N ARG C 29 -26.82 9.07 16.47
CA ARG C 29 -27.00 7.97 17.44
C ARG C 29 -25.74 7.13 17.61
N ALA C 30 -24.99 6.90 16.51
CA ALA C 30 -23.76 6.10 16.54
C ALA C 30 -22.57 6.86 17.12
N GLY C 31 -22.77 8.12 17.49
CA GLY C 31 -21.66 8.95 17.96
C GLY C 31 -20.83 9.60 16.86
N LEU C 32 -21.29 9.56 15.61
CA LEU C 32 -20.59 10.22 14.52
C LEU C 32 -21.06 11.69 14.35
N ASN C 33 -20.19 12.49 13.74
CA ASN C 33 -20.48 13.91 13.57
C ASN C 33 -21.16 14.16 12.22
N PRO C 34 -22.47 14.48 12.19
CA PRO C 34 -23.17 14.60 10.91
C PRO C 34 -22.84 15.87 10.14
N ASN C 35 -22.13 16.80 10.74
CA ASN C 35 -21.75 18.05 10.09
C ASN C 35 -20.41 17.97 9.37
N GLN C 36 -19.73 16.82 9.37
CA GLN C 36 -18.52 16.65 8.58
C GLN C 36 -18.86 16.18 7.16
N ALA C 37 -17.87 16.29 6.27
CA ALA C 37 -18.07 15.90 4.87
C ALA C 37 -17.91 14.38 4.74
N TRP C 38 -18.96 13.71 4.27
CA TRP C 38 -18.96 12.26 4.14
C TRP C 38 -19.42 11.81 2.78
N HIS C 39 -18.85 10.70 2.31
CA HIS C 39 -19.52 9.79 1.37
C HIS C 39 -20.50 8.93 2.17
N ILE C 40 -21.79 9.08 1.94
CA ILE C 40 -22.81 8.33 2.66
C ILE C 40 -23.40 7.28 1.72
N PHE C 41 -23.36 6.02 2.13
CA PHE C 41 -23.84 4.92 1.32
C PHE C 41 -24.71 4.02 2.15
N LEU C 42 -25.85 3.64 1.57
CA LEU C 42 -26.74 2.62 2.09
C LEU C 42 -26.64 1.38 1.22
N LYS C 43 -26.38 0.24 1.84
CA LYS C 43 -26.28 -1.03 1.15
C LYS C 43 -27.49 -1.91 1.47
N VAL C 44 -28.13 -2.44 0.43
CA VAL C 44 -29.21 -3.40 0.55
C VAL C 44 -28.80 -4.67 -0.20
N GLU C 45 -29.11 -5.83 0.40
CA GLU C 45 -28.80 -7.11 -0.23
C GLU C 45 -29.40 -7.19 -1.62
N GLY C 46 -28.66 -7.81 -2.55
CA GLY C 46 -29.14 -7.97 -3.90
C GLY C 46 -29.22 -6.71 -4.71
N GLN C 47 -28.60 -5.62 -4.25
CA GLN C 47 -28.67 -4.33 -4.92
C GLN C 47 -27.31 -3.66 -4.78
N PRO C 48 -26.88 -2.89 -5.77
CA PRO C 48 -25.68 -2.08 -5.59
C PRO C 48 -25.91 -1.06 -4.48
N LYS C 49 -24.84 -0.65 -3.83
CA LYS C 49 -24.99 0.36 -2.78
C LYS C 49 -25.43 1.67 -3.41
N VAL C 50 -26.20 2.45 -2.65
CA VAL C 50 -26.79 3.70 -3.13
C VAL C 50 -26.26 4.86 -2.29
N GLU C 51 -25.71 5.87 -2.97
CA GLU C 51 -25.26 7.07 -2.28
C GLU C 51 -26.44 7.86 -1.79
N LYS C 52 -26.33 8.38 -0.58
CA LYS C 52 -27.41 9.08 0.09
C LYS C 52 -26.92 10.44 0.57
N ASN C 53 -27.86 11.30 0.91
CA ASN C 53 -27.63 12.61 1.49
C ASN C 53 -27.91 12.55 2.99
N ILE C 54 -27.30 13.48 3.74
CA ILE C 54 -27.33 13.44 5.19
C ILE C 54 -28.76 13.56 5.73
N ASP C 55 -29.64 14.28 5.01
CA ASP C 55 -30.98 14.50 5.52
C ASP C 55 -32.04 13.66 4.81
N ASP C 56 -31.59 12.69 4.00
CA ASP C 56 -32.49 11.69 3.43
C ASP C 56 -33.11 10.81 4.50
N VAL C 57 -34.29 10.28 4.18
CA VAL C 57 -35.02 9.33 5.03
C VAL C 57 -34.81 7.93 4.48
N ILE C 58 -34.53 6.98 5.35
CA ILE C 58 -34.39 5.60 4.94
C ILE C 58 -35.41 4.76 5.69
N ASP C 59 -35.93 3.76 5.01
CA ASP C 59 -37.01 2.91 5.53
C ASP C 59 -36.36 1.60 6.00
N LEU C 60 -36.39 1.37 7.31
CA LEU C 60 -35.73 0.20 7.90
C LEU C 60 -36.47 -1.10 7.62
N ARG C 61 -37.68 -1.02 7.08
CA ARG C 61 -38.43 -2.20 6.66
C ARG C 61 -38.01 -2.71 5.29
N THR C 62 -37.25 -1.91 4.52
CA THR C 62 -36.75 -2.32 3.21
C THR C 62 -36.14 -3.72 3.29
N PRO C 63 -36.65 -4.69 2.54
CA PRO C 63 -36.08 -6.04 2.59
C PRO C 63 -34.64 -6.06 2.12
N GLY C 64 -33.80 -6.77 2.87
CA GLY C 64 -32.39 -6.91 2.54
C GLY C 64 -31.49 -5.81 3.08
N ILE C 65 -32.04 -4.85 3.84
CA ILE C 65 -31.27 -3.73 4.41
C ILE C 65 -30.04 -4.27 5.12
N GLU C 66 -28.85 -3.86 4.67
CA GLU C 66 -27.60 -4.37 5.23
C GLU C 66 -26.93 -3.37 6.18
N LYS C 67 -26.62 -2.16 5.71
CA LYS C 67 -25.75 -1.27 6.50
C LYS C 67 -25.73 0.13 5.92
N LEU C 68 -25.66 1.11 6.82
CA LEU C 68 -25.41 2.50 6.50
C LEU C 68 -23.93 2.80 6.80
N ARG C 69 -23.23 3.41 5.85
CA ARG C 69 -21.79 3.55 5.97
C ARG C 69 -21.31 4.92 5.52
N LEU C 70 -20.35 5.49 6.27
CA LEU C 70 -19.73 6.76 5.95
C LEU C 70 -18.24 6.58 5.66
N THR C 71 -17.79 7.28 4.63
CA THR C 71 -16.38 7.42 4.31
C THR C 71 -16.03 8.91 4.29
N PRO C 72 -14.95 9.33 4.97
CA PRO C 72 -14.63 10.75 5.01
C PRO C 72 -14.33 11.26 3.60
N LYS C 73 -14.81 12.47 3.31
CA LYS C 73 -14.38 13.18 2.11
C LYS C 73 -13.12 14.02 2.31
N ASP C 74 -12.84 14.50 3.54
CA ASP C 74 -11.66 15.31 3.81
C ASP C 74 -10.59 14.31 4.27
N VAL C 75 -9.69 13.94 3.35
CA VAL C 75 -8.64 12.94 3.58
C VAL C 75 -7.34 13.62 3.18
N ASN C 76 -6.58 14.09 4.18
CA ASN C 76 -5.62 15.16 3.96
C ASN C 76 -4.24 14.91 4.57
N ASN C 77 -4.00 13.75 5.18
CA ASN C 77 -2.71 13.57 5.82
C ASN C 77 -1.68 13.06 4.81
N GLY C 78 -0.43 13.29 5.15
CA GLY C 78 0.70 12.71 4.42
C GLY C 78 1.94 12.55 5.30
N ALA D 8 1.01 55.56 5.22
CA ALA D 8 1.14 55.83 3.79
C ALA D 8 2.40 55.20 3.31
N THR D 9 3.54 55.78 3.70
CA THR D 9 4.79 55.33 3.08
C THR D 9 5.16 53.91 3.50
N ARG D 10 4.62 53.35 4.61
CA ARG D 10 5.07 52.01 5.02
C ARG D 10 4.45 50.90 4.13
N ARG D 11 5.29 50.13 3.48
CA ARG D 11 4.85 49.12 2.49
C ARG D 11 5.75 47.91 2.63
N ASP D 12 5.51 47.10 3.65
CA ASP D 12 6.32 45.91 3.92
C ASP D 12 6.04 44.78 2.98
N PHE D 13 4.85 44.75 2.38
CA PHE D 13 4.53 43.68 1.44
C PHE D 13 3.54 44.22 0.40
N SER D 14 3.33 43.42 -0.60
CA SER D 14 2.42 43.73 -1.69
C SER D 14 1.08 43.01 -1.51
N LEU D 15 0.01 43.64 -2.03
CA LEU D 15 -1.30 43.00 -2.23
C LEU D 15 -1.40 42.57 -3.67
N ARG D 16 -2.59 42.18 -4.11
CA ARG D 16 -2.77 41.96 -5.52
C ARG D 16 -2.59 43.28 -6.27
N PRO D 17 -2.07 43.23 -7.49
CA PRO D 17 -1.97 44.48 -8.26
C PRO D 17 -3.30 45.21 -8.34
N GLU D 18 -4.40 44.47 -8.46
CA GLU D 18 -5.72 45.12 -8.50
C GLU D 18 -6.09 45.72 -7.16
N ASP D 19 -5.69 45.09 -6.05
CA ASP D 19 -5.93 45.70 -4.75
C ASP D 19 -5.29 47.08 -4.66
N GLU D 20 -3.99 47.13 -4.97
CA GLU D 20 -3.23 48.36 -4.78
C GLU D 20 -3.75 49.46 -5.68
N HIS D 21 -4.12 49.10 -6.92
CA HIS D 21 -4.75 50.04 -7.84
C HIS D 21 -6.03 50.60 -7.24
N TYR D 22 -6.87 49.72 -6.69
CA TYR D 22 -8.10 50.19 -6.06
C TYR D 22 -7.83 51.10 -4.88
N LEU D 23 -6.90 50.73 -4.00
CA LEU D 23 -6.63 51.58 -2.85
C LEU D 23 -6.09 52.96 -3.30
N ASP D 24 -5.24 52.96 -4.34
CA ASP D 24 -4.73 54.22 -4.88
C ASP D 24 -5.83 55.01 -5.57
N GLU D 25 -6.61 54.37 -6.45
CA GLU D 25 -7.70 55.10 -7.09
C GLU D 25 -8.67 55.66 -6.06
N MET D 26 -8.77 55.04 -4.89
CA MET D 26 -9.66 55.58 -3.87
C MET D 26 -9.03 56.72 -3.12
N GLY D 27 -7.74 57.00 -3.36
CA GLY D 27 -7.03 58.05 -2.65
C GLY D 27 -6.81 57.76 -1.18
N TYR D 28 -6.67 56.48 -0.81
CA TYR D 28 -6.47 56.17 0.59
C TYR D 28 -5.02 56.43 0.98
N CYS D 29 -4.81 56.83 2.25
CA CYS D 29 -3.52 56.71 2.88
C CYS D 29 -3.41 55.30 3.47
N TRP D 30 -2.67 54.42 2.81
CA TRP D 30 -2.70 53.01 3.21
C TRP D 30 -1.29 52.47 3.41
N GLU D 31 -1.15 51.56 4.37
CA GLU D 31 0.13 50.94 4.63
C GLU D 31 -0.03 49.43 4.66
N THR D 32 1.03 48.73 4.34
CA THR D 32 1.13 47.29 4.60
C THR D 32 2.23 47.07 5.61
N ARG D 33 1.85 46.48 6.73
CA ARG D 33 2.75 46.34 7.86
C ARG D 33 2.87 44.89 8.27
N LEU D 34 4.10 44.38 8.25
CA LEU D 34 4.41 43.07 8.80
C LEU D 34 4.60 43.22 10.29
N VAL D 35 3.90 42.42 11.04
CA VAL D 35 4.09 42.32 12.49
C VAL D 35 4.39 40.86 12.77
N GLY D 36 5.66 40.57 12.95
CA GLY D 36 6.08 39.18 12.96
C GLY D 36 5.83 38.60 11.60
N ASN D 37 5.01 37.55 11.55
CA ASN D 37 4.59 36.93 10.31
C ASN D 37 3.21 37.41 9.86
N ALA D 38 2.54 38.17 10.68
CA ALA D 38 1.21 38.69 10.33
C ALA D 38 1.31 39.87 9.36
N ARG D 39 0.46 39.83 8.35
CA ARG D 39 0.42 40.84 7.30
C ARG D 39 -0.82 41.69 7.48
N TRP D 40 -0.63 42.93 7.88
CA TRP D 40 -1.73 43.86 8.12
C TRP D 40 -1.81 44.95 7.04
N LEU D 41 -3.00 45.12 6.49
CA LEU D 41 -3.34 46.29 5.67
C LEU D 41 -3.97 47.30 6.59
N ILE D 42 -3.45 48.52 6.62
CA ILE D 42 -4.03 49.54 7.50
C ILE D 42 -4.35 50.79 6.68
N ILE D 43 -5.62 51.19 6.68
CA ILE D 43 -6.05 52.41 6.00
C ILE D 43 -6.14 53.49 7.06
N HIS D 44 -5.33 54.54 6.91
CA HIS D 44 -5.30 55.62 7.91
C HIS D 44 -6.43 56.62 7.68
N ASP D 45 -7.03 57.06 8.78
CA ASP D 45 -8.03 58.13 8.77
C ASP D 45 -9.16 57.81 7.80
N TYR D 46 -9.71 56.62 7.95
CA TYR D 46 -10.90 56.21 7.22
C TYR D 46 -12.11 56.95 7.77
N GLU D 47 -12.80 57.67 6.87
CA GLU D 47 -13.96 58.48 7.23
C GLU D 47 -15.22 57.64 7.45
N LEU D 48 -15.92 57.93 8.50
CA LEU D 48 -17.10 57.22 8.95
C LEU D 48 -18.35 58.09 8.79
N PRO D 49 -19.51 57.49 8.62
CA PRO D 49 -20.75 58.26 8.73
C PRO D 49 -20.86 58.80 10.15
N ASP D 50 -21.70 59.84 10.31
CA ASP D 50 -22.05 60.34 11.64
C ASP D 50 -22.76 59.26 12.44
N GLY D 51 -22.65 59.32 13.77
CA GLY D 51 -23.36 58.40 14.66
C GLY D 51 -22.49 57.60 15.59
N TYR D 52 -21.18 57.73 15.49
CA TYR D 52 -20.25 57.06 16.37
C TYR D 52 -19.49 58.07 17.24
N ASN D 53 -18.82 57.54 18.25
CA ASN D 53 -17.98 58.37 19.10
C ASN D 53 -16.82 58.99 18.34
N HIS D 54 -16.51 58.50 17.14
CA HIS D 54 -15.42 59.05 16.35
C HIS D 54 -15.93 59.24 14.93
N HIS D 55 -15.26 60.12 14.20
CA HIS D 55 -15.63 60.35 12.81
C HIS D 55 -14.59 59.84 11.84
N GLN D 56 -13.44 59.43 12.32
CA GLN D 56 -12.36 58.85 11.54
C GLN D 56 -11.74 57.72 12.36
N VAL D 57 -11.36 56.61 11.71
CA VAL D 57 -10.58 55.55 12.35
C VAL D 57 -9.48 55.07 11.41
N ASN D 58 -8.56 54.30 11.97
CA ASN D 58 -7.78 53.38 11.16
C ASN D 58 -8.62 52.13 10.91
N LEU D 59 -8.72 51.71 9.66
CA LEU D 59 -9.49 50.52 9.27
C LEU D 59 -8.45 49.50 8.80
N ALA D 60 -8.38 48.34 9.47
CA ALA D 60 -7.37 47.34 9.15
C ALA D 60 -7.97 45.99 8.76
N LEU D 61 -7.30 45.32 7.80
CA LEU D 61 -7.59 43.94 7.42
C LEU D 61 -6.36 43.10 7.71
N LEU D 62 -6.59 41.92 8.27
CA LEU D 62 -5.57 40.89 8.39
C LEU D 62 -5.49 40.11 7.10
N ILE D 63 -4.35 40.20 6.41
CA ILE D 63 -4.20 39.57 5.10
C ILE D 63 -3.70 38.14 5.35
N THR D 64 -4.61 37.16 5.24
CA THR D 64 -4.30 35.82 5.73
C THR D 64 -3.33 35.10 4.81
N SER D 65 -2.70 34.09 5.36
CA SER D 65 -1.71 33.34 4.60
C SER D 65 -2.37 32.45 3.54
N GLY D 66 -1.94 32.62 2.27
CA GLY D 66 -2.63 32.06 1.18
C GLY D 66 -3.65 32.95 0.50
N TYR D 67 -3.89 34.16 1.01
CA TYR D 67 -4.74 35.13 0.33
C TYR D 67 -4.34 35.28 -1.16
N PRO D 68 -5.31 35.32 -2.10
CA PRO D 68 -6.76 35.39 -1.91
C PRO D 68 -7.47 34.06 -2.01
N VAL D 69 -6.76 32.92 -1.93
CA VAL D 69 -7.45 31.62 -1.87
C VAL D 69 -7.92 31.37 -0.45
N ASN D 70 -7.02 31.55 0.54
CA ASN D 70 -7.45 31.76 1.90
C ASN D 70 -8.33 33.01 1.92
N MET D 71 -9.31 33.00 2.79
CA MET D 71 -10.27 34.10 2.88
C MET D 71 -9.77 35.20 3.79
N LEU D 72 -10.28 36.39 3.56
CA LEU D 72 -10.23 37.44 4.59
C LEU D 72 -11.46 37.27 5.47
N ASP D 73 -11.32 37.64 6.72
CA ASP D 73 -12.38 37.43 7.72
C ASP D 73 -12.34 38.52 8.76
N MET D 74 -13.49 39.13 8.99
CA MET D 74 -13.65 40.24 9.92
C MET D 74 -12.89 41.48 9.47
N PHE D 75 -12.92 42.50 10.30
CA PHE D 75 -12.11 43.69 10.11
C PHE D 75 -11.93 44.34 11.46
N TYR D 76 -11.05 45.33 11.49
CA TYR D 76 -10.50 45.86 12.74
C TYR D 76 -10.44 47.38 12.66
N VAL D 77 -10.74 48.04 13.76
CA VAL D 77 -10.74 49.51 13.78
C VAL D 77 -10.09 50.06 15.05
N TYR D 78 -9.45 51.22 14.90
CA TYR D 78 -8.83 51.93 16.03
C TYR D 78 -9.07 53.42 15.84
N PRO D 79 -9.54 54.13 16.85
CA PRO D 79 -9.98 53.66 18.19
C PRO D 79 -11.24 52.84 18.15
N PRO D 80 -11.56 52.10 19.21
CA PRO D 80 -12.80 51.32 19.22
C PRO D 80 -14.02 52.22 19.11
N LEU D 81 -15.01 51.72 18.39
CA LEU D 81 -16.22 52.47 18.10
C LEU D 81 -17.35 52.09 19.04
N VAL D 82 -18.16 53.09 19.39
CA VAL D 82 -19.41 52.95 20.14
C VAL D 82 -20.40 53.90 19.49
N ARG D 83 -21.69 53.54 19.51
CA ARG D 83 -22.68 54.48 18.99
C ARG D 83 -22.66 55.75 19.85
N VAL D 84 -22.93 56.88 19.23
CA VAL D 84 -22.82 58.18 19.95
C VAL D 84 -23.70 58.21 21.20
N ASN D 85 -24.83 57.48 21.22
CA ASN D 85 -25.64 57.41 22.44
C ASN D 85 -25.07 56.48 23.51
N GLY D 86 -23.87 55.92 23.29
CA GLY D 86 -23.24 55.04 24.25
C GLY D 86 -23.56 53.56 24.15
N VAL D 87 -24.43 53.14 23.20
CA VAL D 87 -24.76 51.73 23.05
C VAL D 87 -23.65 51.04 22.25
N ASN D 88 -23.26 49.88 22.73
CA ASN D 88 -22.18 49.13 22.09
C ASN D 88 -22.65 48.51 20.78
N ILE D 89 -21.72 48.39 19.85
CA ILE D 89 -22.05 47.77 18.57
C ILE D 89 -22.06 46.26 18.78
N PRO D 90 -23.10 45.54 18.34
CA PRO D 90 -23.13 44.09 18.59
C PRO D 90 -21.96 43.36 17.93
N ALA D 91 -21.42 42.39 18.67
CA ALA D 91 -20.42 41.48 18.16
C ALA D 91 -19.14 42.23 17.80
N THR D 92 -18.70 43.11 18.71
CA THR D 92 -17.49 43.90 18.55
C THR D 92 -16.70 43.99 19.83
N GLU D 93 -16.76 42.95 20.69
CA GLU D 93 -16.14 43.10 22.02
C GLU D 93 -14.67 42.66 22.05
N ALA D 94 -14.22 41.85 21.10
CA ALA D 94 -12.81 41.49 21.13
C ALA D 94 -11.88 42.65 20.69
N THR D 95 -10.65 42.56 21.14
CA THR D 95 -9.57 43.44 20.69
C THR D 95 -8.37 42.59 20.26
N VAL D 96 -7.60 43.14 19.33
CA VAL D 96 -6.41 42.49 18.83
C VAL D 96 -5.33 43.54 18.77
N ALA D 97 -4.16 43.25 19.32
CA ALA D 97 -3.10 44.26 19.32
C ALA D 97 -2.36 44.23 18.00
N ILE D 98 -2.17 45.39 17.40
CA ILE D 98 -1.36 45.53 16.19
C ILE D 98 -0.19 46.43 16.56
N ASP D 99 1.01 45.85 16.63
CA ASP D 99 2.20 46.60 17.05
C ASP D 99 1.93 47.36 18.33
N SER D 100 1.23 46.71 19.26
CA SER D 100 0.92 47.18 20.61
C SER D 100 -0.32 48.05 20.69
N VAL D 101 -0.94 48.43 19.59
CA VAL D 101 -2.14 49.27 19.62
C VAL D 101 -3.34 48.34 19.59
N ALA D 102 -4.28 48.52 20.51
CA ALA D 102 -5.40 47.59 20.64
C ALA D 102 -6.54 47.99 19.68
N TYR D 103 -6.71 47.23 18.60
CA TYR D 103 -7.80 47.45 17.64
C TYR D 103 -9.05 46.70 18.07
N GLN D 104 -10.20 47.29 17.82
CA GLN D 104 -11.45 46.59 18.00
C GLN D 104 -11.74 45.68 16.80
N ARG D 105 -12.08 44.44 17.10
CA ARG D 105 -12.37 43.47 16.05
C ARG D 105 -13.88 43.32 15.84
N TRP D 106 -14.33 43.54 14.62
CA TRP D 106 -15.74 43.38 14.29
C TRP D 106 -15.99 41.96 13.80
N SER D 107 -16.78 41.20 14.55
CA SER D 107 -17.15 39.85 14.13
C SER D 107 -18.20 39.93 13.05
N ARG D 108 -17.72 39.96 11.81
CA ARG D 108 -18.56 40.04 10.61
C ARG D 108 -18.00 39.08 9.60
N HIS D 109 -18.80 38.09 9.20
CA HIS D 109 -18.38 36.94 8.42
C HIS D 109 -19.22 36.77 7.17
N ARG D 110 -18.65 36.18 6.11
CA ARG D 110 -19.35 36.02 4.84
C ARG D 110 -18.66 34.90 4.09
N SER D 111 -19.34 34.39 3.06
CA SER D 111 -18.73 33.37 2.21
C SER D 111 -17.62 34.01 1.37
N TRP D 112 -16.60 33.21 1.04
CA TRP D 112 -15.44 33.70 0.30
C TRP D 112 -15.25 32.91 -0.98
N ASN D 113 -15.22 33.59 -2.12
CA ASN D 113 -15.00 32.98 -3.42
C ASN D 113 -13.69 33.51 -4.01
N PRO D 114 -12.64 32.70 -4.12
CA PRO D 114 -11.33 33.24 -4.57
C PRO D 114 -11.33 33.80 -5.96
N GLU D 115 -12.30 33.41 -6.80
CA GLU D 115 -12.32 33.97 -8.14
C GLU D 115 -12.72 35.46 -8.14
N ILE D 116 -13.46 35.91 -7.13
CA ILE D 116 -14.00 37.27 -7.14
C ILE D 116 -13.70 38.06 -5.88
N ASP D 117 -13.39 37.44 -4.75
CA ASP D 117 -13.22 38.20 -3.51
C ASP D 117 -11.77 38.61 -3.30
N SER D 118 -11.60 39.73 -2.60
CA SER D 118 -10.32 40.36 -2.40
C SER D 118 -10.48 41.43 -1.29
N VAL D 119 -9.39 42.14 -1.03
CA VAL D 119 -9.43 43.36 -0.23
C VAL D 119 -10.57 44.27 -0.70
N ILE D 120 -10.81 44.32 -2.01
CA ILE D 120 -11.82 45.25 -2.50
C ILE D 120 -13.21 44.90 -1.95
N SER D 121 -13.64 43.64 -2.11
CA SER D 121 -14.93 43.26 -1.58
C SER D 121 -14.94 43.23 -0.06
N GLN D 122 -13.78 42.96 0.59
CA GLN D 122 -13.77 42.96 2.05
C GLN D 122 -13.90 44.37 2.62
N LEU D 123 -13.25 45.36 1.99
CA LEU D 123 -13.51 46.75 2.38
C LEU D 123 -14.94 47.20 2.10
N ALA D 124 -15.55 46.74 1.03
CA ALA D 124 -16.98 47.01 0.78
C ALA D 124 -17.86 46.44 1.89
N MET D 125 -17.57 45.23 2.35
CA MET D 125 -18.29 44.66 3.49
C MET D 125 -18.07 45.52 4.74
N ALA D 126 -16.82 45.88 5.03
CA ALA D 126 -16.56 46.71 6.18
C ALA D 126 -17.41 47.98 6.12
N ASP D 127 -17.41 48.65 4.97
CA ASP D 127 -18.17 49.91 4.92
C ASP D 127 -19.66 49.65 5.13
N GLY D 128 -20.18 48.59 4.55
CA GLY D 128 -21.57 48.23 4.76
C GLY D 128 -21.94 48.02 6.21
N CYS D 129 -21.03 47.37 6.98
CA CYS D 129 -21.26 47.17 8.42
C CYS D 129 -21.19 48.48 9.16
N LEU D 130 -20.23 49.33 8.77
CA LEU D 130 -20.11 50.63 9.43
C LEU D 130 -21.31 51.51 9.16
N GLN D 131 -21.92 51.38 7.97
CA GLN D 131 -23.12 52.18 7.66
C GLN D 131 -24.28 51.64 8.48
N LYS D 132 -24.35 50.32 8.58
CA LYS D 132 -25.45 49.66 9.23
C LYS D 132 -25.50 49.98 10.74
N GLU D 133 -24.36 49.99 11.42
CA GLU D 133 -24.36 49.95 12.88
C GLU D 133 -24.43 51.33 13.53
N VAL D 134 -24.81 52.37 12.77
CA VAL D 134 -25.14 53.61 13.44
C VAL D 134 -26.40 53.43 14.29
N GLY D 135 -27.24 52.45 13.95
CA GLY D 135 -28.41 52.16 14.75
C GLY D 135 -28.98 50.76 14.56
N ALA E 8 24.03 -52.07 0.51
CA ALA E 8 23.50 -52.39 1.83
C ALA E 8 24.04 -51.38 2.79
N THR E 9 25.35 -51.47 3.07
CA THR E 9 25.86 -50.64 4.17
C THR E 9 25.85 -49.15 3.82
N ARG E 10 25.78 -48.75 2.54
CA ARG E 10 25.86 -47.29 2.19
C ARG E 10 24.55 -46.61 2.60
N ARG E 11 24.59 -45.60 3.46
CA ARG E 11 23.39 -44.91 3.97
C ARG E 11 23.74 -43.45 4.15
N ASP E 12 23.77 -42.70 3.04
CA ASP E 12 24.12 -41.28 3.07
C ASP E 12 23.03 -40.42 3.62
N PHE E 13 21.77 -40.88 3.55
CA PHE E 13 20.67 -40.08 4.07
C PHE E 13 19.56 -41.02 4.56
N SER E 14 18.61 -40.44 5.22
CA SER E 14 17.46 -41.16 5.75
C SER E 14 16.24 -40.97 4.85
N LEU E 15 15.36 -41.98 4.85
CA LEU E 15 13.99 -41.90 4.30
C LEU E 15 13.04 -41.66 5.45
N ARG E 16 11.75 -41.76 5.19
CA ARG E 16 10.83 -41.73 6.30
C ARG E 16 11.06 -42.94 7.18
N PRO E 17 10.84 -42.82 8.50
CA PRO E 17 10.98 -44.00 9.35
C PRO E 17 10.16 -45.17 8.86
N GLU E 18 8.96 -44.91 8.34
CA GLU E 18 8.14 -45.99 7.80
C GLU E 18 8.73 -46.58 6.53
N ASP E 19 9.36 -45.76 5.69
CA ASP E 19 10.05 -46.31 4.53
C ASP E 19 11.09 -47.34 4.93
N GLU E 20 11.98 -46.93 5.84
CA GLU E 20 13.12 -47.77 6.20
C GLU E 20 12.65 -49.06 6.85
N HIS E 21 11.62 -48.96 7.69
CA HIS E 21 11.00 -50.14 8.29
C HIS E 21 10.48 -51.08 7.21
N TYR E 22 9.79 -50.54 6.22
CA TYR E 22 9.29 -51.35 5.12
C TYR E 22 10.42 -52.02 4.35
N LEU E 23 11.45 -51.26 4.01
CA LEU E 23 12.55 -51.85 3.25
C LEU E 23 13.24 -52.96 4.07
N ASP E 24 13.39 -52.75 5.38
CA ASP E 24 13.98 -53.76 6.25
C ASP E 24 13.05 -54.95 6.39
N GLU E 25 11.77 -54.72 6.69
CA GLU E 25 10.85 -55.86 6.80
C GLU E 25 10.79 -56.64 5.51
N MET E 26 11.07 -56.02 4.37
CA MET E 26 11.07 -56.75 3.12
C MET E 26 12.35 -57.52 2.91
N GLY E 27 13.35 -57.33 3.78
CA GLY E 27 14.64 -57.98 3.64
C GLY E 27 15.44 -57.51 2.45
N TYR E 28 15.29 -56.24 2.05
CA TYR E 28 16.03 -55.76 0.89
C TYR E 28 17.46 -55.45 1.31
N CYS E 29 18.39 -55.63 0.37
CA CYS E 29 19.69 -54.99 0.43
C CYS E 29 19.57 -53.59 -0.19
N TRP E 30 19.50 -52.56 0.63
CA TRP E 30 19.18 -51.23 0.11
C TRP E 30 20.20 -50.20 0.57
N GLU E 31 20.46 -49.23 -0.30
CA GLU E 31 21.38 -48.16 0.03
C GLU E 31 20.73 -46.82 -0.27
N THR E 32 21.16 -45.80 0.45
CA THR E 32 20.84 -44.42 0.11
C THR E 32 22.14 -43.72 -0.25
N ARG E 33 22.19 -43.22 -1.47
CA ARG E 33 23.42 -42.68 -2.02
C ARG E 33 23.20 -41.24 -2.50
N LEU E 34 23.97 -40.33 -1.93
CA LEU E 34 24.02 -38.96 -2.42
C LEU E 34 24.97 -38.91 -3.59
N VAL E 35 24.50 -38.35 -4.68
CA VAL E 35 25.34 -38.08 -5.84
C VAL E 35 25.19 -36.59 -6.12
N GLY E 36 26.18 -35.84 -5.68
CA GLY E 36 26.03 -34.40 -5.65
C GLY E 36 24.93 -34.07 -4.66
N ASN E 37 23.89 -33.40 -5.15
CA ASN E 37 22.72 -33.08 -4.36
C ASN E 37 21.57 -34.06 -4.59
N ALA E 38 21.72 -34.95 -5.54
CA ALA E 38 20.69 -35.95 -5.82
C ALA E 38 20.70 -37.07 -4.80
N ARG E 39 19.51 -37.44 -4.35
CA ARG E 39 19.33 -38.48 -3.34
C ARG E 39 18.73 -39.72 -4.00
N TRP E 40 19.53 -40.76 -4.11
CA TRP E 40 19.12 -42.01 -4.75
C TRP E 40 18.90 -43.13 -3.71
N LEU E 41 17.75 -43.77 -3.80
CA LEU E 41 17.49 -45.04 -3.13
C LEU E 41 17.81 -46.13 -4.11
N ILE E 42 18.68 -47.07 -3.74
CA ILE E 42 19.02 -48.16 -4.67
C ILE E 42 18.81 -49.50 -3.96
N ILE E 43 17.94 -50.33 -4.53
CA ILE E 43 17.71 -51.68 -4.02
C ILE E 43 18.55 -52.63 -4.85
N HIS E 44 19.50 -53.32 -4.19
CA HIS E 44 20.39 -54.23 -4.91
C HIS E 44 19.75 -55.59 -5.15
N ASP E 45 19.98 -56.13 -6.35
CA ASP E 45 19.57 -57.49 -6.69
C ASP E 45 18.08 -57.70 -6.45
N TYR E 46 17.29 -56.77 -6.99
CA TYR E 46 15.85 -56.90 -6.99
C TYR E 46 15.43 -57.98 -7.96
N GLU E 47 14.69 -58.98 -7.44
CA GLU E 47 14.25 -60.12 -8.23
C GLU E 47 13.07 -59.78 -9.14
N LEU E 48 13.13 -60.23 -10.36
CA LEU E 48 12.17 -59.98 -11.40
C LEU E 48 11.41 -61.25 -11.77
N PRO E 49 10.19 -61.13 -12.27
CA PRO E 49 9.55 -62.29 -12.89
C PRO E 49 10.36 -62.73 -14.10
N ASP E 50 10.15 -63.98 -14.52
CA ASP E 50 10.72 -64.46 -15.79
C ASP E 50 10.17 -63.65 -16.95
N GLY E 51 10.94 -63.57 -18.05
CA GLY E 51 10.49 -62.91 -19.27
C GLY E 51 11.35 -61.77 -19.74
N TYR E 52 12.38 -61.41 -18.99
CA TYR E 52 13.33 -60.37 -19.37
C TYR E 52 14.71 -60.96 -19.64
N ASN E 53 15.56 -60.15 -20.25
CA ASN E 53 16.95 -60.53 -20.46
C ASN E 53 17.70 -60.73 -19.16
N HIS E 54 17.17 -60.27 -18.04
CA HIS E 54 17.83 -60.45 -16.75
C HIS E 54 16.80 -60.92 -15.75
N HIS E 55 17.27 -61.55 -14.70
CA HIS E 55 16.37 -62.01 -13.65
C HIS E 55 16.53 -61.24 -12.36
N GLN E 56 17.53 -60.38 -12.26
CA GLN E 56 17.78 -59.52 -11.11
C GLN E 56 18.28 -58.18 -11.66
N VAL E 57 17.86 -57.07 -11.04
CA VAL E 57 18.41 -55.75 -11.34
C VAL E 57 18.63 -54.98 -10.05
N ASN E 58 19.37 -53.87 -10.18
CA ASN E 58 19.26 -52.81 -9.20
C ASN E 58 18.02 -51.97 -9.55
N LEU E 59 17.17 -51.73 -8.57
CA LEU E 59 15.95 -50.93 -8.75
C LEU E 59 16.16 -49.66 -7.96
N ALA E 60 16.15 -48.49 -8.63
CA ALA E 60 16.42 -47.22 -7.98
C ALA E 60 15.27 -46.23 -8.10
N LEU E 61 15.07 -45.44 -7.02
CA LEU E 61 14.17 -44.30 -6.99
C LEU E 61 14.98 -43.03 -6.75
N LEU E 62 14.66 -41.98 -7.48
CA LEU E 62 15.14 -40.65 -7.22
C LEU E 62 14.29 -40.00 -6.15
N ILE E 63 14.88 -39.73 -4.98
CA ILE E 63 14.12 -39.18 -3.86
C ILE E 63 14.12 -37.66 -4.01
N THR E 64 13.00 -37.10 -4.47
CA THR E 64 13.01 -35.70 -4.89
C THR E 64 13.07 -34.75 -3.70
N SER E 65 13.47 -33.53 -4.00
CA SER E 65 13.61 -32.54 -2.94
C SER E 65 12.24 -32.06 -2.46
N GLY E 66 12.01 -32.15 -1.13
CA GLY E 66 10.72 -31.97 -0.59
C GLY E 66 9.90 -33.22 -0.42
N TYR E 67 10.40 -34.39 -0.81
CA TYR E 67 9.74 -35.66 -0.53
C TYR E 67 9.35 -35.78 0.97
N PRO E 68 8.14 -36.25 1.30
CA PRO E 68 7.12 -36.83 0.44
C PRO E 68 6.02 -35.87 0.03
N VAL E 69 6.22 -34.55 0.17
CA VAL E 69 5.25 -33.60 -0.39
C VAL E 69 5.49 -33.41 -1.87
N ASN E 70 6.76 -33.17 -2.26
CA ASN E 70 7.17 -33.41 -3.62
C ASN E 70 6.93 -34.88 -3.92
N MET E 71 6.59 -35.17 -5.15
CA MET E 71 6.27 -36.54 -5.57
C MET E 71 7.50 -37.30 -5.97
N LEU E 72 7.42 -38.62 -5.88
CA LEU E 72 8.34 -39.47 -6.63
C LEU E 72 7.75 -39.70 -8.01
N ASP E 73 8.62 -39.89 -8.99
CA ASP E 73 8.20 -40.01 -10.38
C ASP E 73 9.15 -40.92 -11.13
N MET E 74 8.56 -41.89 -11.83
CA MET E 74 9.31 -42.89 -12.57
C MET E 74 10.12 -43.80 -11.66
N PHE E 75 10.87 -44.70 -12.27
CA PHE E 75 11.84 -45.51 -11.57
C PHE E 75 12.89 -45.93 -12.57
N TYR E 76 13.96 -46.53 -12.05
CA TYR E 76 15.20 -46.70 -12.79
C TYR E 76 15.76 -48.10 -12.52
N VAL E 77 16.30 -48.73 -13.54
CA VAL E 77 16.84 -50.09 -13.38
C VAL E 77 18.17 -50.26 -14.09
N TYR E 78 19.04 -51.11 -13.51
CA TYR E 78 20.34 -51.44 -14.09
C TYR E 78 20.59 -52.93 -13.86
N PRO E 79 20.97 -53.69 -14.89
CA PRO E 79 21.12 -53.30 -16.31
C PRO E 79 19.81 -53.01 -17.00
N PRO E 80 19.82 -52.35 -18.16
CA PRO E 80 18.57 -52.09 -18.87
C PRO E 80 17.87 -53.37 -19.27
N LEU E 81 16.55 -53.33 -19.19
CA LEU E 81 15.73 -54.51 -19.43
C LEU E 81 15.16 -54.48 -20.84
N VAL E 82 15.05 -55.68 -21.43
CA VAL E 82 14.39 -55.95 -22.71
C VAL E 82 13.62 -57.25 -22.52
N ARG E 83 12.49 -57.39 -23.21
CA ARG E 83 11.79 -58.67 -23.14
C ARG E 83 12.69 -59.77 -23.72
N VAL E 84 12.57 -60.98 -23.19
CA VAL E 84 13.48 -62.06 -23.59
C VAL E 84 13.41 -62.32 -25.10
N ASN E 85 12.27 -62.06 -25.77
CA ASN E 85 12.21 -62.19 -27.22
C ASN E 85 12.87 -61.04 -27.97
N GLY E 86 13.50 -60.09 -27.26
CA GLY E 86 14.17 -58.96 -27.89
C GLY E 86 13.32 -57.73 -28.13
N VAL E 87 12.02 -57.73 -27.79
CA VAL E 87 11.17 -56.56 -27.99
C VAL E 87 11.40 -55.58 -26.84
N ASN E 88 11.54 -54.32 -27.19
CA ASN E 88 11.80 -53.28 -26.20
C ASN E 88 10.55 -52.98 -25.38
N ILE E 89 10.78 -52.61 -24.13
CA ILE E 89 9.66 -52.26 -23.26
C ILE E 89 9.22 -50.84 -23.63
N PRO E 90 7.93 -50.60 -23.84
CA PRO E 90 7.51 -49.25 -24.24
C PRO E 90 7.84 -48.20 -23.19
N ALA E 91 8.29 -47.04 -23.67
CA ALA E 91 8.51 -45.86 -22.86
C ALA E 91 9.60 -46.11 -21.83
N THR E 92 10.72 -46.69 -22.30
CA THR E 92 11.88 -46.99 -21.47
C THR E 92 13.17 -46.68 -22.18
N GLU E 93 13.17 -45.67 -23.07
CA GLU E 93 14.38 -45.48 -23.90
C GLU E 93 15.40 -44.52 -23.25
N ALA E 94 14.99 -43.69 -22.32
CA ALA E 94 16.00 -42.83 -21.69
C ALA E 94 16.91 -43.60 -20.72
N THR E 95 18.09 -43.02 -20.51
CA THR E 95 19.03 -43.47 -19.49
C THR E 95 19.46 -42.29 -18.63
N VAL E 96 19.80 -42.59 -17.39
CA VAL E 96 20.26 -41.59 -16.44
C VAL E 96 21.46 -42.17 -15.74
N ALA E 97 22.55 -41.42 -15.68
CA ALA E 97 23.75 -41.96 -15.04
C ALA E 97 23.67 -41.77 -13.54
N ILE E 98 23.93 -42.83 -12.78
CA ILE E 98 24.02 -42.75 -11.33
C ILE E 98 25.44 -43.13 -10.96
N ASP E 99 26.22 -42.14 -10.51
CA ASP E 99 27.64 -42.36 -10.19
C ASP E 99 28.34 -43.06 -11.35
N SER E 100 28.02 -42.64 -12.57
CA SER E 100 28.62 -43.09 -13.83
C SER E 100 27.98 -44.34 -14.41
N VAL E 101 27.08 -45.01 -13.71
CA VAL E 101 26.45 -46.23 -14.22
C VAL E 101 25.16 -45.81 -14.90
N ALA E 102 24.93 -46.26 -16.13
CA ALA E 102 23.78 -45.79 -16.90
C ALA E 102 22.56 -46.66 -16.58
N TYR E 103 21.61 -46.10 -15.83
CA TYR E 103 20.35 -46.80 -15.52
C TYR E 103 19.30 -46.51 -16.59
N GLN E 104 18.49 -47.50 -16.86
CA GLN E 104 17.32 -47.31 -17.71
C GLN E 104 16.19 -46.68 -16.93
N ARG E 105 15.61 -45.62 -17.50
CA ARG E 105 14.52 -44.91 -16.85
C ARG E 105 13.17 -45.34 -17.43
N TRP E 106 12.28 -45.82 -16.58
CA TRP E 106 10.95 -46.21 -16.99
C TRP E 106 10.01 -45.03 -16.86
N SER E 107 9.48 -44.56 -17.98
CA SER E 107 8.49 -43.47 -17.96
C SER E 107 7.16 -44.03 -17.53
N ARG E 108 6.92 -43.98 -16.23
CA ARG E 108 5.69 -44.47 -15.60
C ARG E 108 5.28 -43.45 -14.56
N HIS E 109 4.10 -42.86 -14.73
CA HIS E 109 3.64 -41.70 -13.99
C HIS E 109 2.29 -41.96 -13.35
N ARG E 110 2.00 -41.28 -12.21
CA ARG E 110 0.76 -41.51 -11.48
C ARG E 110 0.52 -40.27 -10.63
N SER E 111 -0.70 -40.14 -10.13
CA SER E 111 -1.01 -39.04 -9.22
C SER E 111 -0.32 -39.28 -7.88
N TRP E 112 0.02 -38.19 -7.19
CA TRP E 112 0.76 -38.28 -5.91
C TRP E 112 -0.01 -37.58 -4.82
N ASN E 113 -0.32 -38.30 -3.74
CA ASN E 113 -1.01 -37.75 -2.57
C ASN E 113 -0.07 -37.82 -1.36
N PRO E 114 0.41 -36.68 -0.85
CA PRO E 114 1.41 -36.74 0.24
C PRO E 114 0.92 -37.36 1.51
N GLU E 115 -0.41 -37.44 1.71
CA GLU E 115 -0.89 -38.07 2.92
C GLU E 115 -0.67 -39.59 2.90
N ILE E 116 -0.59 -40.21 1.73
CA ILE E 116 -0.53 -41.66 1.63
C ILE E 116 0.61 -42.18 0.79
N ASP E 117 1.19 -41.40 -0.11
CA ASP E 117 2.22 -41.94 -1.01
C ASP E 117 3.62 -41.77 -0.44
N SER E 118 4.50 -42.68 -0.81
CA SER E 118 5.84 -42.79 -0.29
C SER E 118 6.65 -43.73 -1.19
N VAL E 119 7.89 -43.97 -0.80
CA VAL E 119 8.69 -45.05 -1.37
C VAL E 119 7.89 -46.35 -1.41
N ILE E 120 7.06 -46.60 -0.40
CA ILE E 120 6.35 -47.87 -0.35
C ILE E 120 5.40 -48.02 -1.55
N SER E 121 4.54 -47.02 -1.77
CA SER E 121 3.64 -47.11 -2.91
C SER E 121 4.38 -46.95 -4.24
N GLN E 122 5.52 -46.23 -4.26
CA GLN E 122 6.26 -46.10 -5.52
C GLN E 122 6.94 -47.40 -5.90
N LEU E 123 7.49 -48.14 -4.91
CA LEU E 123 7.99 -49.48 -5.22
C LEU E 123 6.88 -50.45 -5.63
N ALA E 124 5.69 -50.33 -5.05
CA ALA E 124 4.55 -51.13 -5.52
C ALA E 124 4.20 -50.84 -6.98
N MET E 125 4.22 -49.58 -7.36
CA MET E 125 4.02 -49.22 -8.77
C MET E 125 5.12 -49.84 -9.64
N ALA E 126 6.38 -49.69 -9.23
CA ALA E 126 7.45 -50.26 -10.01
C ALA E 126 7.21 -51.75 -10.21
N ASP E 127 6.88 -52.47 -9.14
CA ASP E 127 6.70 -53.93 -9.33
C ASP E 127 5.54 -54.21 -10.26
N GLY E 128 4.46 -53.47 -10.14
CA GLY E 128 3.33 -53.64 -11.05
C GLY E 128 3.70 -53.45 -12.51
N CYS E 129 4.55 -52.45 -12.80
CA CYS E 129 5.02 -52.24 -14.17
C CYS E 129 5.92 -53.36 -14.63
N LEU E 130 6.78 -53.83 -13.73
CA LEU E 130 7.67 -54.94 -14.09
C LEU E 130 6.90 -56.21 -14.33
N GLN E 131 5.78 -56.42 -13.62
CA GLN E 131 4.97 -57.63 -13.85
C GLN E 131 4.27 -57.49 -15.19
N LYS E 132 3.78 -56.28 -15.46
CA LYS E 132 3.00 -56.01 -16.65
C LYS E 132 3.83 -56.22 -17.93
N GLU E 133 5.08 -55.74 -17.95
CA GLU E 133 5.79 -55.59 -19.22
C GLU E 133 6.54 -56.85 -19.65
N VAL E 134 6.24 -58.00 -19.06
CA VAL E 134 6.77 -59.23 -19.66
C VAL E 134 6.13 -59.45 -21.03
N GLY E 135 4.94 -58.88 -21.25
CA GLY E 135 4.30 -58.98 -22.56
C GLY E 135 3.27 -57.90 -22.85
#